data_6BR8
#
_entry.id   6BR8
#
_cell.length_a   54.909
_cell.length_b   75.163
_cell.length_c   148.380
_cell.angle_alpha   90.00
_cell.angle_beta   90.00
_cell.angle_gamma   90.00
#
_symmetry.space_group_name_H-M   'P 21 21 21'
#
loop_
_entity.id
_entity.type
_entity.pdbx_description
1 polymer 'Protein A6 homolog'
2 non-polymer '[(2~{R})-1-[2-azanylethoxy(oxidanyl)phosphoryl]oxy-3-hexadecanoyloxy-propan-2-yl] (~{Z})-octadec-9-enoate'
3 non-polymer '(1R)-2-{[{[(2S)-2,3-DIHYDROXYPROPYL]OXY}(HYDROXY)PHOSPHORYL]OXY}-1-[(PALMITOYLOXY)METHYL]ETHYL (11E)-OCTADEC-11-ENOATE'
4 water water
#
_entity_poly.entity_id   1
_entity_poly.type   'polypeptide(L)'
_entity_poly.pdbx_seq_one_letter_code
;(MSE)SN(MSE)KKDTNEIVQDLKKILGIVSLIKSANNEHQAYKIL(MSE)ENNSFIIRTINKVLADSNYIIKIIALFNT
DVVSDKIKLEEYKDVFSFSKENVIFGIKCFCDITIDGIDQINNKYVSFFKKVLPNIILFQTSCVKTTQFVNIFSKLSSIV
YSEILTNERLHVLFSEI(MSE)ASFKTKVSVEDLKKRKVNNIQGLISEISNNRE(MSE)YKNIFVEEYEKHKTTLISIVQ
CITDNYNINYKENAVDIEFIFDFIQEHYISKL
;
_entity_poly.pdbx_strand_id   A,B
#
loop_
_chem_comp.id
_chem_comp.type
_chem_comp.name
_chem_comp.formula
6OU non-polymer '[(2~{R})-1-[2-azanylethoxy(oxidanyl)phosphoryl]oxy-3-hexadecanoyloxy-propan-2-yl] (~{Z})-octadec-9-enoate' 'C39 H76 N O8 P'
PGV non-polymer '(1R)-2-{[{[(2S)-2,3-DIHYDROXYPROPYL]OXY}(HYDROXY)PHOSPHORYL]OXY}-1-[(PALMITOYLOXY)METHYL]ETHYL (11E)-OCTADEC-11-ENOATE' 'C40 H77 O10 P'
#
# COMPACT_ATOMS: atom_id res chain seq x y z
N MSE A 4 -27.58 8.63 -31.34
CA MSE A 4 -26.31 8.70 -30.63
C MSE A 4 -25.13 9.01 -31.56
O MSE A 4 -24.00 8.59 -31.30
CB MSE A 4 -26.04 7.38 -29.90
CG MSE A 4 -25.75 6.21 -30.82
SE MSE A 4 -24.72 4.76 -29.94
CE MSE A 4 -25.85 4.59 -28.33
N LYS A 5 -25.38 9.76 -32.63
CA LYS A 5 -24.27 10.17 -33.49
C LYS A 5 -23.39 11.20 -32.80
N LYS A 6 -23.95 11.97 -31.87
CA LYS A 6 -23.13 12.85 -31.05
C LYS A 6 -22.44 12.11 -29.92
N ASP A 7 -23.00 10.99 -29.46
CA ASP A 7 -22.35 10.28 -28.36
C ASP A 7 -21.17 9.46 -28.88
N THR A 8 -21.30 8.87 -30.07
CA THR A 8 -20.13 8.36 -30.76
C THR A 8 -19.22 9.48 -31.27
N ASN A 9 -19.76 10.70 -31.44
CA ASN A 9 -18.90 11.86 -31.59
C ASN A 9 -18.19 12.19 -30.27
N GLU A 10 -18.88 12.02 -29.14
CA GLU A 10 -18.23 12.26 -27.86
C GLU A 10 -16.98 11.41 -27.70
N ILE A 11 -17.05 10.15 -28.14
CA ILE A 11 -15.95 9.22 -27.92
C ILE A 11 -14.76 9.57 -28.81
N VAL A 12 -15.00 9.92 -30.08
CA VAL A 12 -13.87 10.33 -30.90
C VAL A 12 -13.28 11.63 -30.37
N GLN A 13 -14.11 12.55 -29.87
CA GLN A 13 -13.57 13.76 -29.29
C GLN A 13 -12.73 13.47 -28.05
N ASP A 14 -13.19 12.54 -27.19
CA ASP A 14 -12.42 12.18 -26.00
C ASP A 14 -11.13 11.47 -26.36
N LEU A 15 -11.17 10.56 -27.36
CA LEU A 15 -9.96 9.84 -27.72
C LEU A 15 -8.89 10.78 -28.30
N LYS A 16 -9.30 11.80 -29.07
CA LYS A 16 -8.36 12.79 -29.58
C LYS A 16 -7.65 13.54 -28.44
N LYS A 17 -8.41 13.97 -27.45
CA LYS A 17 -7.81 14.68 -26.33
C LYS A 17 -6.96 13.74 -25.49
N ILE A 18 -7.36 12.46 -25.40
CA ILE A 18 -6.53 11.49 -24.67
C ILE A 18 -5.21 11.28 -25.39
N LEU A 19 -5.27 10.93 -26.67
CA LEU A 19 -4.04 10.77 -27.46
C LEU A 19 -3.21 12.05 -27.43
N GLY A 20 -3.86 13.21 -27.32
CA GLY A 20 -3.10 14.45 -27.21
C GLY A 20 -2.34 14.56 -25.90
N ILE A 21 -2.99 14.23 -24.78
CA ILE A 21 -2.28 14.10 -23.52
C ILE A 21 -1.09 13.17 -23.70
N VAL A 22 -1.31 12.06 -24.40
CA VAL A 22 -0.27 11.04 -24.52
C VAL A 22 0.93 11.59 -25.29
N SER A 23 0.69 12.25 -26.42
CA SER A 23 1.79 12.79 -27.21
C SER A 23 2.54 13.89 -26.47
N LEU A 24 1.88 14.60 -25.55
CA LEU A 24 2.57 15.58 -24.72
C LEU A 24 3.46 14.90 -23.69
N ILE A 25 3.02 13.76 -23.15
CA ILE A 25 3.81 13.09 -22.13
C ILE A 25 4.99 12.36 -22.77
N LYS A 26 4.75 11.66 -23.88
CA LYS A 26 5.82 10.97 -24.59
C LYS A 26 6.98 11.90 -24.89
N SER A 27 6.67 13.04 -25.51
CA SER A 27 7.69 13.94 -26.04
C SER A 27 8.07 15.00 -25.02
N ALA A 28 7.99 14.65 -23.74
CA ALA A 28 8.33 15.55 -22.65
C ALA A 28 9.72 15.20 -22.11
N ASN A 29 10.42 16.23 -21.65
CA ASN A 29 11.85 16.10 -21.35
C ASN A 29 12.11 15.23 -20.12
N ASN A 30 11.17 15.20 -19.17
CA ASN A 30 11.37 14.43 -17.95
C ASN A 30 10.02 14.22 -17.26
N GLU A 31 10.10 13.65 -16.07
CA GLU A 31 8.92 13.28 -15.30
C GLU A 31 8.15 14.52 -14.86
N HIS A 32 8.84 15.46 -14.20
CA HIS A 32 8.21 16.68 -13.72
C HIS A 32 7.42 17.40 -14.81
N GLN A 33 7.87 17.31 -16.07
CA GLN A 33 7.11 17.93 -17.14
C GLN A 33 5.87 17.11 -17.47
N ALA A 34 5.98 15.79 -17.45
CA ALA A 34 4.81 14.96 -17.65
C ALA A 34 3.82 15.12 -16.52
N TYR A 35 4.31 15.34 -15.29
CA TYR A 35 3.43 15.53 -14.15
C TYR A 35 2.68 16.85 -14.24
N LYS A 36 3.35 17.91 -14.68
CA LYS A 36 2.65 19.14 -15.04
C LYS A 36 1.59 18.87 -16.09
N ILE A 37 1.92 18.09 -17.13
CA ILE A 37 0.98 17.82 -18.22
C ILE A 37 -0.26 17.09 -17.72
N LEU A 38 -0.09 16.14 -16.82
CA LEU A 38 -1.24 15.44 -16.27
C LEU A 38 -2.09 16.38 -15.38
N MSE A 39 -1.45 17.16 -14.52
CA MSE A 39 -2.18 18.12 -13.67
C MSE A 39 -2.90 19.22 -14.44
O MSE A 39 -3.97 19.66 -14.03
CB MSE A 39 -1.26 18.82 -12.65
CG MSE A 39 -0.60 17.95 -11.61
SE MSE A 39 -1.88 17.27 -10.28
CE MSE A 39 -2.85 18.93 -9.76
N GLU A 40 -2.32 19.68 -15.54
CA GLU A 40 -3.03 20.72 -16.29
C GLU A 40 -4.28 20.16 -16.95
N ASN A 41 -4.34 18.83 -17.11
CA ASN A 41 -5.54 18.14 -17.58
C ASN A 41 -6.29 17.46 -16.44
N ASN A 42 -6.09 17.93 -15.21
CA ASN A 42 -6.55 17.23 -14.02
C ASN A 42 -8.07 17.01 -14.04
N SER A 43 -8.85 18.06 -14.31
CA SER A 43 -10.31 17.92 -14.36
C SER A 43 -10.81 17.13 -15.57
N PHE A 44 -10.10 17.17 -16.70
CA PHE A 44 -10.55 16.35 -17.81
C PHE A 44 -10.43 14.85 -17.50
N ILE A 45 -9.29 14.42 -16.96
CA ILE A 45 -9.08 13.00 -16.66
C ILE A 45 -10.09 12.51 -15.62
N ILE A 46 -10.37 13.32 -14.59
CA ILE A 46 -11.29 12.90 -13.54
C ILE A 46 -12.74 12.93 -14.06
N ARG A 47 -13.08 13.90 -14.90
CA ARG A 47 -14.43 13.94 -15.45
C ARG A 47 -14.68 12.76 -16.38
N THR A 48 -13.68 12.39 -17.18
CA THR A 48 -13.86 11.36 -18.18
C THR A 48 -14.02 9.98 -17.55
N ILE A 49 -13.11 9.61 -16.65
CA ILE A 49 -13.27 8.38 -15.87
C ILE A 49 -14.65 8.32 -15.25
N ASN A 50 -15.03 9.36 -14.49
CA ASN A 50 -16.36 9.39 -13.87
C ASN A 50 -17.46 9.27 -14.90
N LYS A 51 -17.28 9.90 -16.07
CA LYS A 51 -18.31 9.90 -17.10
C LYS A 51 -18.38 8.53 -17.78
N VAL A 52 -17.22 7.92 -18.02
CA VAL A 52 -17.22 6.57 -18.57
C VAL A 52 -17.89 5.58 -17.60
N LEU A 53 -17.54 5.66 -16.31
CA LEU A 53 -17.97 4.63 -15.37
C LEU A 53 -19.45 4.68 -15.08
N ALA A 54 -20.07 5.86 -15.19
CA ALA A 54 -21.50 6.02 -14.98
C ALA A 54 -22.33 5.76 -16.23
N ASP A 55 -21.69 5.60 -17.39
CA ASP A 55 -22.37 5.32 -18.66
C ASP A 55 -22.36 3.82 -18.91
N SER A 56 -23.39 3.16 -18.39
CA SER A 56 -23.59 1.73 -18.54
C SER A 56 -23.54 1.24 -19.99
N ASN A 57 -23.59 2.12 -20.97
CA ASN A 57 -23.59 1.70 -22.37
C ASN A 57 -22.28 2.06 -23.08
N TYR A 58 -21.26 2.51 -22.34
CA TYR A 58 -20.08 3.06 -22.99
C TYR A 58 -19.44 2.06 -23.93
N ILE A 59 -19.47 0.77 -23.59
CA ILE A 59 -18.77 -0.20 -24.42
C ILE A 59 -19.52 -0.35 -25.74
N ILE A 60 -20.84 -0.41 -25.65
CA ILE A 60 -21.70 -0.53 -26.82
C ILE A 60 -21.59 0.69 -27.72
N LYS A 61 -21.32 1.85 -27.13
CA LYS A 61 -21.06 3.04 -27.94
C LYS A 61 -19.70 2.93 -28.65
N ILE A 62 -18.75 2.25 -28.04
CA ILE A 62 -17.50 2.01 -28.74
C ILE A 62 -17.71 1.03 -29.89
N ILE A 63 -18.45 -0.07 -29.66
CA ILE A 63 -18.78 -0.96 -30.77
C ILE A 63 -19.47 -0.18 -31.89
N ALA A 64 -20.34 0.77 -31.54
CA ALA A 64 -21.13 1.46 -32.57
C ALA A 64 -20.31 2.38 -33.46
N LEU A 65 -19.11 2.79 -33.01
CA LEU A 65 -18.20 3.50 -33.91
C LEU A 65 -17.81 2.61 -35.08
N PHE A 66 -17.65 1.31 -34.81
CA PHE A 66 -17.12 0.38 -35.79
C PHE A 66 -18.20 -0.33 -36.58
N ASN A 67 -19.43 -0.28 -36.12
CA ASN A 67 -20.55 -0.86 -36.83
C ASN A 67 -21.61 0.23 -36.92
N THR A 68 -21.50 1.04 -37.98
CA THR A 68 -22.51 2.03 -38.28
C THR A 68 -23.85 1.35 -38.55
N ASP A 69 -23.84 0.11 -39.02
CA ASP A 69 -25.09 -0.59 -39.25
C ASP A 69 -25.82 -0.94 -37.95
N VAL A 70 -25.16 -0.84 -36.80
CA VAL A 70 -25.86 -1.13 -35.55
C VAL A 70 -26.84 -0.02 -35.20
N VAL A 71 -26.43 1.24 -35.39
CA VAL A 71 -27.29 2.37 -35.02
C VAL A 71 -28.61 2.32 -35.78
N SER A 72 -28.62 1.62 -36.92
CA SER A 72 -29.83 1.44 -37.71
C SER A 72 -30.60 0.19 -37.33
N ASP A 73 -30.50 -0.29 -36.08
CA ASP A 73 -31.27 -1.46 -35.69
C ASP A 73 -31.25 -1.63 -34.19
N LYS A 74 -32.36 -1.29 -33.52
CA LYS A 74 -32.43 -1.34 -32.05
C LYS A 74 -32.45 -2.76 -31.49
N ILE A 75 -32.76 -3.78 -32.31
CA ILE A 75 -32.65 -5.17 -31.87
C ILE A 75 -31.18 -5.54 -31.69
N LYS A 76 -30.35 -5.28 -32.71
CA LYS A 76 -28.90 -5.40 -32.56
C LYS A 76 -28.38 -4.64 -31.34
N LEU A 77 -28.73 -3.35 -31.23
CA LEU A 77 -28.22 -2.54 -30.13
C LEU A 77 -28.62 -3.16 -28.80
N GLU A 78 -29.88 -3.59 -28.69
CA GLU A 78 -30.30 -4.17 -27.43
C GLU A 78 -29.76 -5.59 -27.22
N GLU A 79 -29.50 -6.36 -28.29
CA GLU A 79 -28.80 -7.60 -28.02
C GLU A 79 -27.33 -7.35 -27.72
N TYR A 80 -26.79 -6.18 -28.11
CA TYR A 80 -25.47 -5.82 -27.60
C TYR A 80 -25.51 -5.35 -26.15
N LYS A 81 -26.56 -4.65 -25.72
CA LYS A 81 -26.59 -4.21 -24.32
C LYS A 81 -26.77 -5.38 -23.37
N ASP A 82 -27.23 -6.53 -23.86
CA ASP A 82 -27.36 -7.67 -22.96
C ASP A 82 -26.00 -8.24 -22.58
N VAL A 83 -25.03 -8.19 -23.47
CA VAL A 83 -23.71 -8.72 -23.16
C VAL A 83 -22.81 -7.67 -22.53
N PHE A 84 -22.76 -6.48 -23.12
CA PHE A 84 -21.69 -5.53 -22.87
C PHE A 84 -22.06 -4.39 -21.92
N SER A 85 -23.32 -4.26 -21.49
CA SER A 85 -23.65 -3.21 -20.56
C SER A 85 -23.19 -3.63 -19.16
N PHE A 86 -22.60 -2.69 -18.44
CA PHE A 86 -22.13 -2.89 -17.09
C PHE A 86 -22.84 -1.91 -16.16
N SER A 87 -23.12 -2.35 -14.93
CA SER A 87 -23.82 -1.50 -13.99
C SER A 87 -22.84 -0.88 -13.00
N LYS A 88 -23.34 0.03 -12.17
CA LYS A 88 -22.53 0.61 -11.10
C LYS A 88 -21.94 -0.46 -10.19
N GLU A 89 -22.71 -1.51 -9.92
CA GLU A 89 -22.20 -2.58 -9.06
C GLU A 89 -21.27 -3.51 -9.82
N ASN A 90 -21.42 -3.62 -11.14
CA ASN A 90 -20.39 -4.32 -11.89
C ASN A 90 -19.06 -3.59 -11.74
N VAL A 91 -19.08 -2.26 -11.85
CA VAL A 91 -17.88 -1.45 -11.69
C VAL A 91 -17.31 -1.66 -10.28
N ILE A 92 -18.18 -1.61 -9.27
CA ILE A 92 -17.76 -1.82 -7.88
C ILE A 92 -17.18 -3.21 -7.70
N PHE A 93 -17.89 -4.22 -8.21
CA PHE A 93 -17.40 -5.58 -8.14
C PHE A 93 -16.03 -5.71 -8.81
N GLY A 94 -15.86 -5.05 -9.95
CA GLY A 94 -14.60 -5.15 -10.67
C GLY A 94 -13.46 -4.44 -9.97
N ILE A 95 -13.75 -3.38 -9.23
CA ILE A 95 -12.71 -2.74 -8.45
C ILE A 95 -12.31 -3.65 -7.30
N LYS A 96 -13.30 -4.21 -6.61
CA LYS A 96 -13.00 -5.11 -5.51
C LYS A 96 -12.12 -6.26 -5.98
N CYS A 97 -12.49 -6.89 -7.10
CA CYS A 97 -11.67 -7.96 -7.68
C CYS A 97 -10.27 -7.47 -8.05
N PHE A 98 -10.15 -6.21 -8.46
CA PHE A 98 -8.85 -5.69 -8.87
C PHE A 98 -7.86 -5.66 -7.70
N CYS A 99 -8.34 -5.31 -6.52
CA CYS A 99 -7.44 -5.21 -5.37
C CYS A 99 -7.06 -6.57 -4.78
N ASP A 100 -7.60 -7.68 -5.29
CA ASP A 100 -7.14 -8.99 -4.87
C ASP A 100 -6.05 -9.54 -5.79
N ILE A 101 -5.43 -8.68 -6.60
CA ILE A 101 -4.28 -9.05 -7.40
C ILE A 101 -3.05 -8.69 -6.59
N THR A 102 -2.12 -9.63 -6.48
CA THR A 102 -0.86 -9.43 -5.77
C THR A 102 0.29 -9.51 -6.76
N ILE A 103 1.24 -8.60 -6.61
CA ILE A 103 2.43 -8.57 -7.44
C ILE A 103 3.63 -8.44 -6.52
N ASP A 104 3.99 -9.53 -5.85
CA ASP A 104 5.14 -9.46 -4.98
C ASP A 104 6.45 -9.49 -5.74
N GLY A 105 6.39 -9.48 -7.08
CA GLY A 105 7.56 -9.64 -7.91
C GLY A 105 8.36 -8.39 -8.15
N ILE A 106 7.83 -7.23 -7.78
CA ILE A 106 8.52 -5.96 -7.94
C ILE A 106 8.14 -5.04 -6.79
N ASP A 107 9.13 -4.28 -6.31
CA ASP A 107 8.93 -3.35 -5.23
C ASP A 107 7.85 -2.35 -5.62
N GLN A 108 7.39 -1.59 -4.63
CA GLN A 108 6.42 -0.56 -4.92
C GLN A 108 7.04 0.52 -5.81
N ILE A 109 6.17 1.16 -6.59
CA ILE A 109 6.53 2.23 -7.51
C ILE A 109 6.21 3.55 -6.81
N ASN A 110 7.18 4.45 -6.72
CA ASN A 110 6.85 5.82 -6.28
C ASN A 110 7.66 6.81 -7.11
N ASN A 111 7.05 7.18 -8.22
CA ASN A 111 7.41 8.32 -9.06
C ASN A 111 6.25 9.31 -9.03
N LYS A 112 6.31 10.35 -9.85
CA LYS A 112 5.27 11.37 -9.83
C LYS A 112 4.00 10.94 -10.55
N TYR A 113 4.07 9.90 -11.38
CA TYR A 113 2.83 9.32 -11.90
C TYR A 113 2.04 8.66 -10.79
N VAL A 114 2.71 7.93 -9.92
CA VAL A 114 2.03 7.32 -8.78
C VAL A 114 1.44 8.40 -7.89
N SER A 115 2.19 9.49 -7.66
CA SER A 115 1.63 10.58 -6.86
C SER A 115 0.47 11.25 -7.60
N PHE A 116 0.60 11.41 -8.92
CA PHE A 116 -0.55 11.82 -9.73
C PHE A 116 -1.72 10.87 -9.50
N PHE A 117 -1.48 9.56 -9.60
CA PHE A 117 -2.60 8.62 -9.53
C PHE A 117 -3.36 8.78 -8.21
N LYS A 118 -2.65 9.11 -7.13
CA LYS A 118 -3.34 9.13 -5.86
C LYS A 118 -4.14 10.41 -5.64
N LYS A 119 -3.87 11.44 -6.44
CA LYS A 119 -4.58 12.71 -6.32
C LYS A 119 -5.97 12.66 -6.97
N VAL A 120 -6.13 11.84 -8.00
CA VAL A 120 -7.42 11.73 -8.70
C VAL A 120 -8.41 10.77 -8.03
N LEU A 121 -7.95 9.77 -7.29
CA LEU A 121 -8.85 8.70 -6.88
C LEU A 121 -9.91 9.10 -5.85
N PRO A 122 -9.63 10.03 -4.94
CA PRO A 122 -10.70 10.53 -4.07
C PRO A 122 -11.77 11.32 -4.81
N ASN A 123 -11.58 11.68 -6.08
CA ASN A 123 -12.63 12.33 -6.86
C ASN A 123 -13.34 11.38 -7.82
N ILE A 124 -12.87 10.16 -7.98
CA ILE A 124 -13.57 9.15 -8.77
C ILE A 124 -14.69 8.57 -7.91
N ILE A 125 -15.93 8.99 -8.18
CA ILE A 125 -17.04 8.73 -7.27
C ILE A 125 -17.19 7.24 -6.99
N LEU A 126 -17.23 6.42 -8.05
CA LEU A 126 -17.44 4.99 -7.88
C LEU A 126 -16.23 4.31 -7.27
N PHE A 127 -15.06 4.94 -7.29
CA PHE A 127 -13.96 4.35 -6.53
C PHE A 127 -14.14 4.57 -5.04
N GLN A 128 -14.69 5.72 -4.64
CA GLN A 128 -14.95 5.94 -3.22
C GLN A 128 -16.05 5.02 -2.74
N THR A 129 -17.04 4.76 -3.59
CA THR A 129 -18.16 3.89 -3.26
C THR A 129 -17.70 2.47 -2.96
N SER A 130 -16.60 2.04 -3.58
CA SER A 130 -16.12 0.67 -3.41
C SER A 130 -15.54 0.44 -2.02
N CYS A 131 -15.03 1.49 -1.39
CA CYS A 131 -14.40 1.37 -0.07
C CYS A 131 -13.26 0.36 -0.11
N VAL A 132 -12.54 0.33 -1.21
CA VAL A 132 -11.27 -0.37 -1.28
C VAL A 132 -10.18 0.62 -0.88
N LYS A 133 -9.16 0.12 -0.20
CA LYS A 133 -8.11 1.00 0.30
C LYS A 133 -7.29 1.58 -0.84
N THR A 134 -7.13 2.91 -0.82
CA THR A 134 -6.44 3.60 -1.90
C THR A 134 -4.98 3.14 -2.01
N THR A 135 -4.31 2.94 -0.87
CA THR A 135 -2.93 2.49 -0.87
C THR A 135 -2.76 1.21 -1.68
N GLN A 136 -3.65 0.25 -1.47
CA GLN A 136 -3.59 -1.02 -2.19
C GLN A 136 -3.90 -0.84 -3.68
N PHE A 137 -5.04 -0.19 -3.99
CA PHE A 137 -5.42 -0.04 -5.39
C PHE A 137 -4.32 0.66 -6.19
N VAL A 138 -3.75 1.73 -5.63
CA VAL A 138 -2.66 2.45 -6.28
C VAL A 138 -1.49 1.51 -6.53
N ASN A 139 -1.15 0.70 -5.52
CA ASN A 139 -0.02 -0.20 -5.64
C ASN A 139 -0.22 -1.18 -6.79
N ILE A 140 -1.37 -1.87 -6.84
CA ILE A 140 -1.61 -2.80 -7.93
C ILE A 140 -1.63 -2.09 -9.28
N PHE A 141 -2.34 -0.96 -9.35
CA PHE A 141 -2.47 -0.31 -10.64
C PHE A 141 -1.13 0.17 -11.15
N SER A 142 -0.29 0.69 -10.25
CA SER A 142 1.00 1.22 -10.67
C SER A 142 1.94 0.10 -11.05
N LYS A 143 1.91 -1.02 -10.33
CA LYS A 143 2.76 -2.14 -10.70
C LYS A 143 2.35 -2.73 -12.04
N LEU A 144 1.04 -2.92 -12.25
CA LEU A 144 0.56 -3.49 -13.51
C LEU A 144 0.91 -2.61 -14.69
N SER A 145 0.60 -1.32 -14.61
CA SER A 145 0.83 -0.46 -15.78
C SER A 145 2.31 -0.27 -16.01
N SER A 146 3.11 -0.33 -14.94
CA SER A 146 4.55 -0.35 -15.12
C SER A 146 5.01 -1.59 -15.88
N ILE A 147 4.35 -2.73 -15.63
CA ILE A 147 4.73 -3.94 -16.34
C ILE A 147 4.30 -3.88 -17.80
N VAL A 148 3.03 -3.50 -18.04
CA VAL A 148 2.49 -3.45 -19.39
C VAL A 148 3.34 -2.56 -20.28
N TYR A 149 3.65 -1.36 -19.81
CA TYR A 149 4.43 -0.43 -20.61
C TYR A 149 5.86 -0.91 -20.77
N SER A 150 6.43 -1.49 -19.71
CA SER A 150 7.79 -1.98 -19.85
C SER A 150 7.86 -3.15 -20.81
N GLU A 151 6.90 -4.08 -20.70
CA GLU A 151 6.93 -5.23 -21.60
C GLU A 151 6.69 -4.81 -23.04
N ILE A 152 5.79 -3.86 -23.30
CA ILE A 152 5.53 -3.50 -24.69
C ILE A 152 6.77 -2.87 -25.31
N LEU A 153 7.54 -2.12 -24.53
CA LEU A 153 8.73 -1.47 -25.07
C LEU A 153 9.98 -2.34 -25.09
N THR A 154 10.08 -3.35 -24.22
CA THR A 154 11.34 -4.03 -24.01
C THR A 154 11.27 -5.53 -24.26
N ASN A 155 10.09 -6.14 -24.27
CA ASN A 155 10.01 -7.58 -24.43
C ASN A 155 10.33 -7.97 -25.87
N GLU A 156 11.34 -8.82 -26.03
CA GLU A 156 11.85 -9.18 -27.36
C GLU A 156 10.97 -10.19 -28.07
N ARG A 157 10.33 -11.12 -27.34
CA ARG A 157 9.45 -12.04 -28.02
C ARG A 157 8.23 -11.29 -28.52
N LEU A 158 7.75 -10.34 -27.74
CA LEU A 158 6.65 -9.47 -28.15
C LEU A 158 7.03 -8.68 -29.40
N HIS A 159 8.26 -8.20 -29.45
CA HIS A 159 8.68 -7.40 -30.59
C HIS A 159 8.73 -8.27 -31.84
N VAL A 160 9.25 -9.48 -31.69
CA VAL A 160 9.26 -10.43 -32.79
C VAL A 160 7.83 -10.70 -33.25
N LEU A 161 6.94 -11.03 -32.31
CA LEU A 161 5.58 -11.37 -32.71
C LEU A 161 4.91 -10.18 -33.40
N PHE A 162 5.06 -8.98 -32.84
CA PHE A 162 4.53 -7.78 -33.47
C PHE A 162 5.04 -7.63 -34.91
N SER A 163 6.33 -7.90 -35.13
CA SER A 163 6.88 -7.82 -36.47
C SER A 163 6.22 -8.79 -37.42
N GLU A 164 5.93 -10.01 -36.96
CA GLU A 164 5.39 -11.01 -37.90
C GLU A 164 3.95 -10.72 -38.26
N ILE A 165 3.15 -10.28 -37.29
CA ILE A 165 1.79 -9.85 -37.55
C ILE A 165 1.79 -8.65 -38.48
N MSE A 166 2.75 -7.75 -38.28
CA MSE A 166 2.85 -6.56 -39.11
C MSE A 166 3.11 -6.88 -40.56
O MSE A 166 2.48 -6.29 -41.46
CB MSE A 166 3.97 -5.68 -38.58
CG MSE A 166 4.07 -4.38 -39.38
SE MSE A 166 5.46 -3.22 -38.59
CE MSE A 166 4.41 -2.55 -37.06
N ALA A 167 4.02 -7.82 -40.81
CA ALA A 167 4.39 -8.22 -42.15
C ALA A 167 3.22 -8.93 -42.82
N SER A 168 2.58 -9.83 -42.08
CA SER A 168 1.44 -10.55 -42.62
C SER A 168 0.31 -9.60 -42.96
N PHE A 169 0.07 -8.62 -42.09
CA PHE A 169 -0.86 -7.56 -42.39
C PHE A 169 -0.55 -6.88 -43.73
N LYS A 170 0.72 -6.58 -43.96
CA LYS A 170 1.06 -5.82 -45.16
C LYS A 170 0.81 -6.60 -46.43
N THR A 171 0.73 -7.93 -46.35
CA THR A 171 0.45 -8.78 -47.50
C THR A 171 -1.05 -8.93 -47.77
N LYS A 172 -1.90 -8.35 -46.92
CA LYS A 172 -3.34 -8.43 -47.05
C LYS A 172 -4.01 -7.09 -47.28
N VAL A 173 -3.30 -5.98 -47.05
CA VAL A 173 -3.84 -4.62 -47.03
C VAL A 173 -2.73 -3.70 -47.53
N SER A 174 -2.99 -2.86 -48.53
CA SER A 174 -1.88 -2.04 -49.02
C SER A 174 -1.75 -0.80 -48.17
N VAL A 175 -0.77 -0.82 -47.27
CA VAL A 175 -0.58 0.29 -46.35
C VAL A 175 -0.16 1.55 -47.09
N GLU A 176 0.56 1.41 -48.21
CA GLU A 176 0.88 2.57 -49.03
C GLU A 176 -0.40 3.21 -49.58
N ASP A 177 -1.34 2.40 -50.07
CA ASP A 177 -2.55 3.00 -50.63
C ASP A 177 -3.46 3.53 -49.53
N LEU A 178 -3.42 2.93 -48.34
CA LEU A 178 -4.11 3.49 -47.18
C LEU A 178 -3.52 4.84 -46.79
N LYS A 179 -2.19 4.94 -46.74
CA LYS A 179 -1.58 6.24 -46.43
C LYS A 179 -1.94 7.29 -47.48
N LYS A 180 -1.96 6.92 -48.77
CA LYS A 180 -2.33 7.84 -49.83
C LYS A 180 -3.81 8.24 -49.78
N ARG A 181 -4.69 7.37 -49.30
CA ARG A 181 -6.07 7.75 -49.02
C ARG A 181 -6.24 8.30 -47.60
N LYS A 182 -5.15 8.76 -46.98
CA LYS A 182 -5.19 9.54 -45.75
C LYS A 182 -5.95 8.83 -44.64
N VAL A 183 -5.69 7.53 -44.48
CA VAL A 183 -6.19 6.78 -43.33
C VAL A 183 -5.07 6.75 -42.29
N ASN A 184 -4.58 7.93 -41.92
CA ASN A 184 -3.50 8.06 -40.94
C ASN A 184 -3.97 8.57 -39.59
N ASN A 185 -5.09 9.31 -39.54
CA ASN A 185 -5.62 9.92 -38.33
C ASN A 185 -6.63 8.99 -37.66
N ILE A 186 -7.16 9.43 -36.52
CA ILE A 186 -8.07 8.56 -35.76
C ILE A 186 -9.43 8.44 -36.46
N GLN A 187 -9.91 9.53 -37.08
CA GLN A 187 -11.18 9.45 -37.76
C GLN A 187 -11.10 8.58 -39.01
N GLY A 188 -10.18 8.92 -39.92
CA GLY A 188 -9.91 8.03 -41.04
C GLY A 188 -9.77 6.57 -40.63
N LEU A 189 -8.99 6.32 -39.58
CA LEU A 189 -8.82 4.92 -39.17
C LEU A 189 -10.15 4.32 -38.71
N ILE A 190 -10.93 5.07 -37.94
CA ILE A 190 -12.23 4.56 -37.51
C ILE A 190 -13.11 4.26 -38.71
N SER A 191 -13.14 5.18 -39.69
CA SER A 191 -14.02 4.99 -40.82
C SER A 191 -13.58 3.83 -41.70
N GLU A 192 -12.26 3.65 -41.89
CA GLU A 192 -11.76 2.52 -42.68
C GLU A 192 -12.19 1.18 -42.09
N ILE A 193 -12.11 1.05 -40.77
CA ILE A 193 -12.45 -0.21 -40.16
C ILE A 193 -13.96 -0.44 -40.19
N SER A 194 -14.77 0.59 -39.89
CA SER A 194 -16.22 0.42 -39.87
C SER A 194 -16.79 0.09 -41.26
N ASN A 195 -16.20 0.64 -42.31
CA ASN A 195 -16.63 0.32 -43.67
C ASN A 195 -16.01 -0.96 -44.19
N ASN A 196 -15.01 -1.49 -43.51
CA ASN A 196 -14.41 -2.74 -43.94
C ASN A 196 -14.39 -3.69 -42.73
N ARG A 197 -15.57 -3.85 -42.11
CA ARG A 197 -15.70 -4.62 -40.88
C ARG A 197 -15.32 -6.08 -41.06
N GLU A 198 -16.03 -6.78 -41.94
CA GLU A 198 -15.85 -8.22 -42.02
C GLU A 198 -14.39 -8.60 -42.29
N MSE A 199 -13.71 -7.85 -43.15
CA MSE A 199 -12.29 -8.14 -43.43
C MSE A 199 -11.34 -7.91 -42.25
O MSE A 199 -10.54 -8.78 -41.93
CB MSE A 199 -11.77 -7.31 -44.58
CG MSE A 199 -10.45 -7.89 -45.06
SE MSE A 199 -9.49 -6.67 -46.22
CE MSE A 199 -8.64 -5.70 -44.73
N TYR A 200 -11.43 -6.75 -41.60
CA TYR A 200 -10.49 -6.49 -40.51
C TYR A 200 -10.77 -7.46 -39.37
N LYS A 201 -12.03 -7.82 -39.17
CA LYS A 201 -12.30 -8.77 -38.11
C LYS A 201 -11.77 -10.16 -38.47
N ASN A 202 -11.94 -10.60 -39.73
CA ASN A 202 -11.34 -11.86 -40.14
C ASN A 202 -9.82 -11.79 -40.07
N ILE A 203 -9.23 -10.64 -40.40
CA ILE A 203 -7.78 -10.51 -40.26
C ILE A 203 -7.41 -10.67 -38.80
N PHE A 204 -8.18 -10.05 -37.91
CA PHE A 204 -7.87 -10.15 -36.51
C PHE A 204 -8.00 -11.59 -36.03
N VAL A 205 -9.14 -12.23 -36.33
CA VAL A 205 -9.32 -13.62 -35.90
C VAL A 205 -8.18 -14.49 -36.43
N GLU A 206 -7.85 -14.34 -37.71
CA GLU A 206 -6.87 -15.27 -38.27
C GLU A 206 -5.48 -15.03 -37.65
N GLU A 207 -5.06 -13.77 -37.53
CA GLU A 207 -3.77 -13.53 -36.90
C GLU A 207 -3.77 -14.03 -35.48
N TYR A 208 -4.89 -13.89 -34.78
CA TYR A 208 -4.95 -14.34 -33.40
C TYR A 208 -4.82 -15.86 -33.32
N GLU A 209 -5.57 -16.58 -34.14
CA GLU A 209 -5.50 -18.04 -34.13
C GLU A 209 -4.13 -18.53 -34.59
N LYS A 210 -3.57 -17.90 -35.61
CA LYS A 210 -2.28 -18.37 -36.09
C LYS A 210 -1.21 -18.27 -35.02
N HIS A 211 -1.31 -17.27 -34.14
CA HIS A 211 -0.25 -16.86 -33.24
C HIS A 211 -0.64 -17.04 -31.80
N LYS A 212 -1.72 -17.77 -31.54
CA LYS A 212 -2.24 -17.85 -30.19
C LYS A 212 -1.21 -18.42 -29.22
N THR A 213 -0.49 -19.47 -29.61
CA THR A 213 0.39 -20.15 -28.66
C THR A 213 1.51 -19.22 -28.22
N THR A 214 2.16 -18.57 -29.16
CA THR A 214 3.09 -17.51 -28.80
C THR A 214 2.47 -16.46 -27.89
N LEU A 215 1.28 -15.95 -28.25
CA LEU A 215 0.80 -14.79 -27.48
C LEU A 215 0.52 -15.19 -26.03
N ILE A 216 -0.17 -16.30 -25.83
CA ILE A 216 -0.46 -16.79 -24.49
C ILE A 216 0.84 -17.03 -23.75
N SER A 217 1.76 -17.76 -24.38
CA SER A 217 3.05 -18.07 -23.75
C SER A 217 3.74 -16.82 -23.25
N ILE A 218 3.93 -15.83 -24.15
CA ILE A 218 4.56 -14.57 -23.77
C ILE A 218 3.87 -13.96 -22.57
N VAL A 219 2.55 -13.76 -22.66
CA VAL A 219 1.87 -13.10 -21.56
C VAL A 219 1.91 -13.94 -20.29
N GLN A 220 1.80 -15.27 -20.41
CA GLN A 220 1.87 -16.10 -19.23
C GLN A 220 3.25 -16.01 -18.58
N CYS A 221 4.31 -15.97 -19.39
CA CYS A 221 5.66 -15.84 -18.85
C CYS A 221 5.88 -14.49 -18.21
N ILE A 222 5.13 -13.47 -18.62
CA ILE A 222 5.19 -12.20 -17.93
C ILE A 222 4.54 -12.31 -16.56
N THR A 223 3.33 -12.88 -16.50
CA THR A 223 2.66 -12.97 -15.21
C THR A 223 3.42 -13.88 -14.28
N ASP A 224 4.10 -14.91 -14.80
CA ASP A 224 4.94 -15.76 -13.93
C ASP A 224 6.16 -15.00 -13.44
N ASN A 225 6.85 -14.30 -14.34
CA ASN A 225 8.13 -13.70 -13.96
C ASN A 225 7.98 -12.48 -13.08
N TYR A 226 6.76 -12.03 -12.81
CA TYR A 226 6.49 -11.02 -11.79
C TYR A 226 5.65 -11.56 -10.65
N ASN A 227 5.36 -12.86 -10.63
CA ASN A 227 4.56 -13.53 -9.61
C ASN A 227 3.30 -12.73 -9.36
N ILE A 228 2.50 -12.62 -10.42
CA ILE A 228 1.20 -11.97 -10.35
C ILE A 228 0.16 -13.01 -9.95
N ASN A 229 -0.46 -12.80 -8.81
CA ASN A 229 -1.49 -13.71 -8.33
C ASN A 229 -2.82 -13.00 -8.28
N TYR A 230 -3.88 -13.81 -8.47
CA TYR A 230 -5.26 -13.40 -8.26
C TYR A 230 -5.84 -14.32 -7.18
N LYS A 231 -6.19 -13.72 -6.04
CA LYS A 231 -6.66 -14.49 -4.87
C LYS A 231 -5.62 -15.51 -4.42
N GLU A 232 -4.41 -15.01 -4.08
CA GLU A 232 -3.23 -15.85 -3.74
C GLU A 232 -3.08 -17.09 -4.66
N ASN A 233 -3.48 -16.96 -5.92
CA ASN A 233 -3.32 -18.06 -6.86
C ASN A 233 -2.70 -17.60 -8.16
N ALA A 234 -2.01 -18.53 -8.82
CA ALA A 234 -1.45 -18.26 -10.14
C ALA A 234 -2.54 -17.79 -11.07
N VAL A 235 -2.19 -16.89 -11.96
CA VAL A 235 -3.11 -16.40 -12.96
C VAL A 235 -3.02 -17.35 -14.16
N ASP A 236 -4.18 -17.72 -14.70
CA ASP A 236 -4.24 -18.63 -15.85
C ASP A 236 -4.59 -17.80 -17.10
N ILE A 237 -3.55 -17.39 -17.82
CA ILE A 237 -3.77 -16.54 -18.99
C ILE A 237 -4.64 -17.25 -20.02
N GLU A 238 -4.30 -18.50 -20.34
CA GLU A 238 -5.09 -19.26 -21.31
C GLU A 238 -6.57 -19.22 -20.92
N PHE A 239 -6.88 -19.51 -19.67
CA PHE A 239 -8.28 -19.51 -19.26
C PHE A 239 -8.91 -18.12 -19.38
N ILE A 240 -8.19 -17.07 -18.98
CA ILE A 240 -8.75 -15.72 -19.13
C ILE A 240 -9.02 -15.42 -20.60
N PHE A 241 -8.10 -15.78 -21.48
CA PHE A 241 -8.23 -15.43 -22.89
C PHE A 241 -9.36 -16.23 -23.54
N ASP A 242 -9.44 -17.53 -23.24
CA ASP A 242 -10.55 -18.31 -23.74
C ASP A 242 -11.87 -17.80 -23.20
N PHE A 243 -11.86 -17.21 -22.00
CA PHE A 243 -13.08 -16.74 -21.38
C PHE A 243 -13.63 -15.53 -22.09
N ILE A 244 -12.80 -14.50 -22.25
CA ILE A 244 -13.16 -13.31 -23.00
C ILE A 244 -13.57 -13.70 -24.40
N GLN A 245 -12.95 -14.74 -24.97
CA GLN A 245 -13.34 -15.16 -26.31
C GLN A 245 -14.76 -15.73 -26.33
N GLU A 246 -15.10 -16.56 -25.37
CA GLU A 246 -16.41 -17.20 -25.44
C GLU A 246 -17.52 -16.25 -25.03
N HIS A 247 -17.27 -15.35 -24.07
CA HIS A 247 -18.34 -14.51 -23.57
C HIS A 247 -18.38 -13.10 -24.15
N TYR A 248 -17.31 -12.64 -24.78
CA TYR A 248 -17.31 -11.27 -25.28
C TYR A 248 -16.98 -11.15 -26.77
N ILE A 249 -15.78 -11.55 -27.17
CA ILE A 249 -15.33 -11.37 -28.55
C ILE A 249 -16.24 -12.10 -29.52
N SER A 250 -16.60 -13.33 -29.18
CA SER A 250 -17.46 -14.16 -30.03
C SER A 250 -18.85 -13.58 -30.19
N LYS A 251 -19.28 -12.70 -29.28
CA LYS A 251 -20.64 -12.21 -29.43
C LYS A 251 -20.72 -10.95 -30.29
N LEU A 252 -19.59 -10.36 -30.67
CA LEU A 252 -19.61 -9.31 -31.67
C LEU A 252 -20.02 -9.86 -33.02
N MSE B 4 14.42 -18.21 36.00
CA MSE B 4 13.88 -16.96 35.47
C MSE B 4 15.02 -15.97 35.23
O MSE B 4 15.00 -15.24 34.24
CB MSE B 4 12.82 -16.39 36.43
CG MSE B 4 12.16 -15.07 36.04
SE MSE B 4 11.03 -15.19 34.43
CE MSE B 4 10.41 -13.36 34.22
N LYS B 5 16.03 -16.00 36.11
CA LYS B 5 17.05 -14.95 36.12
C LYS B 5 17.75 -14.77 34.76
N LYS B 6 17.90 -15.84 33.98
CA LYS B 6 18.62 -15.71 32.71
C LYS B 6 17.68 -15.25 31.58
N ASP B 7 16.38 -15.50 31.68
CA ASP B 7 15.46 -14.90 30.72
C ASP B 7 15.22 -13.41 30.99
N THR B 8 15.40 -12.95 32.23
CA THR B 8 15.42 -11.51 32.46
C THR B 8 16.78 -10.91 32.15
N ASN B 9 17.87 -11.65 32.37
CA ASN B 9 19.17 -11.22 31.87
C ASN B 9 19.20 -11.24 30.35
N GLU B 10 18.45 -12.13 29.71
CA GLU B 10 18.46 -12.12 28.25
C GLU B 10 17.79 -10.86 27.72
N ILE B 11 16.75 -10.38 28.42
CA ILE B 11 16.13 -9.12 28.01
C ILE B 11 17.09 -7.96 28.20
N VAL B 12 17.78 -7.89 29.37
CA VAL B 12 18.82 -6.87 29.49
C VAL B 12 19.87 -7.07 28.41
N GLN B 13 20.19 -8.32 28.07
CA GLN B 13 21.13 -8.56 26.98
C GLN B 13 20.61 -8.11 25.62
N ASP B 14 19.34 -8.36 25.29
CA ASP B 14 18.83 -7.89 24.01
C ASP B 14 18.70 -6.39 24.00
N LEU B 15 18.32 -5.81 25.14
CA LEU B 15 18.13 -4.36 25.23
C LEU B 15 19.42 -3.60 24.93
N LYS B 16 20.53 -3.94 25.60
CA LYS B 16 21.78 -3.20 25.35
C LYS B 16 22.16 -3.29 23.88
N LYS B 17 22.05 -4.48 23.30
CA LYS B 17 22.45 -4.62 21.91
C LYS B 17 21.52 -3.82 21.01
N ILE B 18 20.24 -3.70 21.37
CA ILE B 18 19.33 -2.84 20.63
C ILE B 18 19.71 -1.37 20.79
N LEU B 19 19.94 -0.91 22.03
CA LEU B 19 20.37 0.48 22.16
C LEU B 19 21.79 0.68 21.65
N GLY B 20 22.56 -0.38 21.47
CA GLY B 20 23.86 -0.25 20.85
C GLY B 20 23.75 -0.11 19.35
N ILE B 21 22.81 -0.83 18.73
CA ILE B 21 22.48 -0.56 17.34
C ILE B 21 22.05 0.90 17.19
N VAL B 22 21.27 1.39 18.15
CA VAL B 22 20.65 2.70 17.99
C VAL B 22 21.70 3.80 18.05
N SER B 23 22.64 3.70 18.99
CA SER B 23 23.75 4.64 19.03
C SER B 23 24.49 4.68 17.69
N LEU B 24 24.61 3.50 17.05
CA LEU B 24 25.33 3.41 15.78
C LEU B 24 24.52 4.02 14.64
N ILE B 25 23.19 3.84 14.66
CA ILE B 25 22.32 4.49 13.68
C ILE B 25 22.43 6.01 13.80
N LYS B 26 22.28 6.53 15.02
CA LYS B 26 22.21 7.97 15.21
C LYS B 26 23.55 8.63 14.91
N SER B 27 24.64 8.04 15.36
CA SER B 27 25.95 8.64 15.16
C SER B 27 26.49 8.24 13.79
N ALA B 28 25.59 7.99 12.84
CA ALA B 28 25.93 7.60 11.48
C ALA B 28 25.67 8.76 10.54
N ASN B 29 26.57 8.93 9.57
CA ASN B 29 26.58 10.14 8.76
C ASN B 29 25.45 10.20 7.74
N ASN B 30 24.93 9.06 7.27
CA ASN B 30 23.90 9.11 6.22
C ASN B 30 22.91 7.97 6.36
N GLU B 31 22.06 7.82 5.33
CA GLU B 31 20.98 6.84 5.36
C GLU B 31 21.48 5.43 5.04
N HIS B 32 22.35 5.36 4.03
CA HIS B 32 22.97 4.12 3.55
C HIS B 32 23.72 3.37 4.65
N GLN B 33 24.76 3.99 5.20
CA GLN B 33 25.54 3.39 6.26
C GLN B 33 24.56 2.89 7.32
N ALA B 34 23.86 3.84 7.94
CA ALA B 34 22.86 3.51 8.94
C ALA B 34 22.14 2.26 8.48
N TYR B 35 21.96 2.12 7.16
CA TYR B 35 21.33 0.93 6.63
C TYR B 35 22.24 -0.28 6.68
N LYS B 36 23.55 -0.08 6.49
CA LYS B 36 24.48 -1.21 6.51
C LYS B 36 24.58 -1.85 7.90
N ILE B 37 24.39 -1.06 8.97
CA ILE B 37 24.52 -1.69 10.28
C ILE B 37 23.22 -2.36 10.71
N LEU B 38 22.08 -1.89 10.19
CA LEU B 38 20.86 -2.68 10.27
C LEU B 38 21.10 -4.05 9.63
N MSE B 39 21.57 -4.02 8.40
CA MSE B 39 22.08 -5.17 7.67
C MSE B 39 23.04 -6.05 8.43
O MSE B 39 22.88 -7.27 8.46
CB MSE B 39 22.78 -4.67 6.41
CG MSE B 39 21.76 -4.29 5.37
SE MSE B 39 20.84 -6.01 5.16
CE MSE B 39 19.13 -5.27 4.66
N GLU B 40 24.06 -5.44 9.03
CA GLU B 40 25.05 -6.19 9.80
C GLU B 40 24.37 -6.91 10.95
N ASN B 41 23.25 -6.35 11.40
CA ASN B 41 22.48 -6.93 12.50
C ASN B 41 21.18 -7.55 12.00
N ASN B 42 21.15 -7.95 10.73
CA ASN B 42 19.97 -8.56 10.10
C ASN B 42 19.45 -9.75 10.90
N SER B 43 20.30 -10.76 11.11
CA SER B 43 19.80 -11.95 11.77
C SER B 43 19.52 -11.72 13.24
N PHE B 44 20.15 -10.72 13.86
CA PHE B 44 19.85 -10.47 15.27
C PHE B 44 18.44 -9.95 15.44
N ILE B 45 18.06 -8.96 14.62
CA ILE B 45 16.74 -8.38 14.70
C ILE B 45 15.66 -9.40 14.36
N ILE B 46 15.92 -10.24 13.35
CA ILE B 46 14.95 -11.25 12.96
C ILE B 46 14.76 -12.27 14.07
N ARG B 47 15.86 -12.85 14.58
CA ARG B 47 15.76 -13.79 15.69
C ARG B 47 15.06 -13.15 16.87
N THR B 48 15.23 -11.85 17.02
CA THR B 48 14.76 -11.14 18.20
C THR B 48 13.25 -10.87 18.14
N ILE B 49 12.77 -10.41 16.98
CA ILE B 49 11.34 -10.29 16.77
C ILE B 49 10.70 -11.65 17.03
N ASN B 50 11.29 -12.71 16.47
CA ASN B 50 10.63 -14.02 16.51
C ASN B 50 10.56 -14.53 17.94
N LYS B 51 11.59 -14.28 18.75
CA LYS B 51 11.60 -14.94 20.04
C LYS B 51 10.69 -14.17 21.00
N VAL B 52 10.47 -12.88 20.74
CA VAL B 52 9.51 -12.13 21.54
C VAL B 52 8.08 -12.54 21.20
N LEU B 53 7.80 -12.72 19.92
CA LEU B 53 6.42 -12.97 19.53
C LEU B 53 5.94 -14.36 19.96
N ALA B 54 6.84 -15.33 20.01
CA ALA B 54 6.52 -16.68 20.40
C ALA B 54 6.57 -16.89 21.92
N ASP B 55 7.11 -15.93 22.66
CA ASP B 55 7.14 -15.99 24.13
C ASP B 55 5.89 -15.33 24.68
N SER B 56 4.94 -16.15 25.13
CA SER B 56 3.68 -15.64 25.65
C SER B 56 3.84 -14.88 26.96
N ASN B 57 5.00 -14.91 27.60
CA ASN B 57 5.19 -14.28 28.89
C ASN B 57 6.18 -13.13 28.83
N TYR B 58 6.54 -12.68 27.63
CA TYR B 58 7.57 -11.66 27.50
C TYR B 58 7.24 -10.42 28.31
N ILE B 59 5.97 -9.99 28.30
CA ILE B 59 5.62 -8.75 28.98
C ILE B 59 5.76 -8.93 30.47
N ILE B 60 5.44 -10.12 30.96
CA ILE B 60 5.52 -10.40 32.38
C ILE B 60 6.98 -10.40 32.80
N LYS B 61 7.84 -10.91 31.93
CA LYS B 61 9.28 -10.85 32.14
C LYS B 61 9.84 -9.45 32.06
N ILE B 62 9.23 -8.57 31.28
CA ILE B 62 9.58 -7.16 31.35
C ILE B 62 9.15 -6.58 32.70
N ILE B 63 7.89 -6.81 33.08
CA ILE B 63 7.43 -6.44 34.42
C ILE B 63 8.36 -6.98 35.49
N ALA B 64 8.76 -8.26 35.37
CA ALA B 64 9.56 -8.88 36.41
C ALA B 64 10.99 -8.34 36.46
N LEU B 65 11.42 -7.60 35.42
CA LEU B 65 12.66 -6.83 35.51
C LEU B 65 12.58 -5.78 36.60
N PHE B 66 11.44 -5.10 36.70
CA PHE B 66 11.30 -3.99 37.62
C PHE B 66 10.73 -4.40 38.97
N ASN B 67 9.91 -5.44 39.01
CA ASN B 67 9.19 -5.81 40.23
C ASN B 67 9.67 -7.20 40.66
N THR B 68 10.87 -7.24 41.25
CA THR B 68 11.57 -8.50 41.50
C THR B 68 10.96 -9.31 42.63
N ASP B 69 10.17 -8.71 43.52
CA ASP B 69 9.53 -9.54 44.53
C ASP B 69 8.33 -10.32 43.98
N VAL B 70 8.03 -10.21 42.68
CA VAL B 70 7.02 -11.06 42.05
C VAL B 70 7.61 -12.40 41.61
N VAL B 71 8.90 -12.65 41.86
CA VAL B 71 9.46 -13.96 41.56
C VAL B 71 8.89 -15.07 42.44
N SER B 72 9.07 -14.98 43.75
CA SER B 72 8.70 -16.07 44.64
C SER B 72 7.29 -15.83 45.19
N ASP B 73 6.34 -15.45 44.32
CA ASP B 73 4.92 -15.40 44.70
C ASP B 73 4.13 -15.67 43.43
N LYS B 74 3.55 -16.87 43.33
CA LYS B 74 2.87 -17.22 42.09
C LYS B 74 1.44 -16.70 42.06
N ILE B 75 0.88 -16.31 43.20
CA ILE B 75 -0.45 -15.72 43.26
C ILE B 75 -0.49 -14.52 42.31
N LYS B 76 0.28 -13.49 42.64
CA LYS B 76 0.40 -12.33 41.75
C LYS B 76 0.92 -12.76 40.39
N LEU B 77 1.86 -13.71 40.37
CA LEU B 77 2.50 -14.06 39.10
C LEU B 77 1.47 -14.61 38.13
N GLU B 78 0.53 -15.41 38.60
CA GLU B 78 -0.48 -15.83 37.64
C GLU B 78 -1.55 -14.79 37.41
N GLU B 79 -1.68 -13.83 38.32
CA GLU B 79 -2.59 -12.75 38.01
C GLU B 79 -2.01 -11.91 36.89
N TYR B 80 -0.68 -11.79 36.87
CA TYR B 80 0.01 -11.14 35.75
C TYR B 80 -0.22 -11.90 34.44
N LYS B 81 -0.03 -13.23 34.47
CA LYS B 81 -0.32 -14.01 33.27
C LYS B 81 -1.79 -13.90 32.88
N ASP B 82 -2.67 -13.71 33.87
CA ASP B 82 -4.08 -13.57 33.55
C ASP B 82 -4.33 -12.33 32.71
N VAL B 83 -3.56 -11.26 32.95
CA VAL B 83 -3.74 -10.01 32.24
C VAL B 83 -2.81 -9.90 31.03
N PHE B 84 -1.51 -10.14 31.20
CA PHE B 84 -0.50 -9.70 30.26
C PHE B 84 0.02 -10.80 29.32
N SER B 85 -0.30 -12.07 29.55
CA SER B 85 0.18 -13.10 28.64
C SER B 85 -0.60 -13.03 27.33
N PHE B 86 0.09 -13.30 26.22
CA PHE B 86 -0.53 -13.21 24.90
C PHE B 86 -0.25 -14.46 24.07
N SER B 87 -1.26 -14.92 23.34
CA SER B 87 -1.13 -16.09 22.49
C SER B 87 -0.66 -15.69 21.09
N LYS B 88 -0.26 -16.72 20.31
CA LYS B 88 0.06 -16.47 18.91
C LYS B 88 -1.14 -15.90 18.18
N GLU B 89 -2.33 -16.34 18.56
CA GLU B 89 -3.58 -15.79 18.05
C GLU B 89 -3.77 -14.33 18.49
N ASN B 90 -3.31 -13.96 19.68
CA ASN B 90 -3.42 -12.55 20.04
C ASN B 90 -2.51 -11.71 19.15
N VAL B 91 -1.29 -12.22 18.88
CA VAL B 91 -0.37 -11.49 18.01
C VAL B 91 -0.98 -11.33 16.63
N ILE B 92 -1.53 -12.43 16.09
CA ILE B 92 -2.12 -12.37 14.76
C ILE B 92 -3.25 -11.35 14.73
N PHE B 93 -4.13 -11.41 15.73
CA PHE B 93 -5.22 -10.44 15.81
C PHE B 93 -4.68 -9.02 15.85
N GLY B 94 -3.63 -8.78 16.62
CA GLY B 94 -3.09 -7.45 16.71
C GLY B 94 -2.52 -6.95 15.39
N ILE B 95 -1.91 -7.85 14.62
CA ILE B 95 -1.36 -7.44 13.34
C ILE B 95 -2.48 -7.06 12.38
N LYS B 96 -3.59 -7.80 12.39
CA LYS B 96 -4.66 -7.50 11.44
C LYS B 96 -5.34 -6.17 11.77
N CYS B 97 -5.62 -5.94 13.06
CA CYS B 97 -6.12 -4.64 13.51
C CYS B 97 -5.18 -3.50 13.14
N PHE B 98 -3.88 -3.74 13.22
CA PHE B 98 -2.91 -2.74 12.81
C PHE B 98 -3.17 -2.27 11.38
N CYS B 99 -3.65 -3.19 10.52
CA CYS B 99 -3.83 -2.92 9.10
C CYS B 99 -5.19 -2.31 8.76
N ASP B 100 -6.04 -2.08 9.77
CA ASP B 100 -7.24 -1.27 9.63
C ASP B 100 -6.98 0.20 9.97
N ILE B 101 -5.72 0.58 10.14
CA ILE B 101 -5.36 1.96 10.44
C ILE B 101 -5.09 2.69 9.13
N THR B 102 -5.82 3.78 8.90
CA THR B 102 -5.56 4.64 7.75
C THR B 102 -4.86 5.93 8.16
N ILE B 103 -4.03 6.45 7.26
CA ILE B 103 -3.27 7.68 7.50
C ILE B 103 -3.20 8.43 6.16
N ASP B 104 -4.27 9.14 5.82
CA ASP B 104 -4.30 9.87 4.54
C ASP B 104 -3.29 11.01 4.57
N GLY B 105 -3.05 11.57 5.76
CA GLY B 105 -2.52 12.91 5.91
C GLY B 105 -1.04 13.03 5.66
N ILE B 106 -0.47 11.97 5.10
CA ILE B 106 0.97 11.83 4.96
C ILE B 106 1.21 10.88 3.79
N ASP B 107 2.09 11.26 2.89
CA ASP B 107 2.31 10.39 1.75
C ASP B 107 3.26 9.27 2.13
N GLN B 108 3.41 8.30 1.22
CA GLN B 108 4.20 7.13 1.57
C GLN B 108 5.67 7.51 1.77
N ILE B 109 6.41 6.59 2.36
CA ILE B 109 7.74 6.94 2.82
C ILE B 109 8.80 6.50 1.81
N ASN B 110 9.01 5.19 1.68
CA ASN B 110 9.99 4.67 0.74
C ASN B 110 11.32 5.40 0.90
N ASN B 111 11.94 4.99 2.00
CA ASN B 111 13.25 5.38 2.46
C ASN B 111 13.88 4.03 2.77
N LYS B 112 15.20 3.99 2.82
CA LYS B 112 15.97 2.78 3.06
C LYS B 112 15.40 2.06 4.25
N TYR B 113 15.29 2.77 5.36
CA TYR B 113 14.74 2.12 6.56
C TYR B 113 13.52 1.28 6.18
N VAL B 114 12.68 1.79 5.27
CA VAL B 114 11.53 1.06 4.77
C VAL B 114 11.97 -0.16 3.96
N SER B 115 13.04 -0.02 3.17
CA SER B 115 13.50 -1.13 2.35
C SER B 115 13.95 -2.30 3.23
N PHE B 116 14.84 -2.02 4.19
CA PHE B 116 15.29 -3.03 5.14
C PHE B 116 14.11 -3.69 5.83
N PHE B 117 13.15 -2.88 6.26
CA PHE B 117 11.99 -3.40 6.97
C PHE B 117 11.25 -4.43 6.13
N LYS B 118 11.07 -4.15 4.84
CA LYS B 118 10.38 -5.08 3.96
C LYS B 118 11.14 -6.39 3.84
N LYS B 119 12.47 -6.33 3.93
CA LYS B 119 13.24 -7.56 3.81
C LYS B 119 13.29 -8.34 5.11
N VAL B 120 12.89 -7.75 6.23
CA VAL B 120 12.82 -8.47 7.49
C VAL B 120 11.56 -9.34 7.58
N LEU B 121 10.43 -8.87 7.05
CA LEU B 121 9.14 -9.48 7.33
C LEU B 121 8.91 -10.87 6.75
N PRO B 122 9.45 -11.20 5.57
CA PRO B 122 9.44 -12.62 5.16
C PRO B 122 9.94 -13.58 6.23
N ASN B 123 10.86 -13.15 7.09
CA ASN B 123 11.47 -13.99 8.11
C ASN B 123 10.70 -13.95 9.43
N ILE B 124 9.73 -13.05 9.56
CA ILE B 124 8.97 -12.92 10.79
C ILE B 124 7.84 -13.94 10.71
N ILE B 125 8.03 -15.04 11.43
CA ILE B 125 7.16 -16.22 11.30
C ILE B 125 5.70 -15.85 11.51
N LEU B 126 5.39 -15.30 12.68
CA LEU B 126 4.00 -15.01 12.99
C LEU B 126 3.41 -13.91 12.13
N PHE B 127 4.24 -13.15 11.40
CA PHE B 127 3.71 -12.20 10.43
C PHE B 127 3.30 -12.89 9.14
N GLN B 128 4.06 -13.89 8.68
CA GLN B 128 3.62 -14.66 7.54
C GLN B 128 2.34 -15.41 7.85
N THR B 129 2.20 -15.91 9.08
CA THR B 129 1.01 -16.66 9.47
C THR B 129 -0.24 -15.79 9.44
N SER B 130 -0.07 -14.47 9.63
CA SER B 130 -1.22 -13.56 9.74
C SER B 130 -1.89 -13.31 8.40
N CYS B 131 -1.11 -13.38 7.32
CA CYS B 131 -1.60 -13.18 5.95
C CYS B 131 -2.19 -11.78 5.76
N VAL B 132 -1.56 -10.78 6.40
CA VAL B 132 -1.77 -9.38 6.05
C VAL B 132 -0.79 -9.02 4.95
N LYS B 133 -1.15 -8.04 4.14
CA LYS B 133 -0.29 -7.67 3.01
C LYS B 133 0.96 -6.97 3.52
N THR B 134 2.12 -7.45 3.06
CA THR B 134 3.39 -6.90 3.52
C THR B 134 3.48 -5.40 3.24
N THR B 135 3.15 -4.98 2.00
CA THR B 135 3.29 -3.58 1.65
C THR B 135 2.33 -2.68 2.45
N GLN B 136 1.14 -3.16 2.80
CA GLN B 136 0.24 -2.30 3.55
C GLN B 136 0.66 -2.17 5.01
N PHE B 137 1.23 -3.24 5.57
CA PHE B 137 1.70 -3.21 6.96
C PHE B 137 2.96 -2.36 7.10
N VAL B 138 3.87 -2.45 6.14
CA VAL B 138 5.06 -1.63 6.20
C VAL B 138 4.69 -0.15 6.06
N ASN B 139 3.74 0.15 5.17
CA ASN B 139 3.31 1.55 4.99
C ASN B 139 2.70 2.11 6.27
N ILE B 140 1.83 1.34 6.92
CA ILE B 140 1.25 1.81 8.17
C ILE B 140 2.35 1.96 9.22
N PHE B 141 3.18 0.94 9.35
CA PHE B 141 4.23 1.00 10.37
C PHE B 141 5.15 2.19 10.13
N SER B 142 5.57 2.38 8.88
CA SER B 142 6.52 3.44 8.56
C SER B 142 5.92 4.83 8.71
N LYS B 143 4.63 4.98 8.39
CA LYS B 143 3.99 6.29 8.56
C LYS B 143 3.81 6.63 10.03
N LEU B 144 3.32 5.68 10.84
CA LEU B 144 3.20 5.95 12.27
C LEU B 144 4.56 6.24 12.88
N SER B 145 5.58 5.46 12.51
CA SER B 145 6.91 5.66 13.07
C SER B 145 7.46 7.04 12.69
N SER B 146 7.18 7.49 11.46
CA SER B 146 7.60 8.82 11.03
C SER B 146 6.87 9.92 11.79
N ILE B 147 5.57 9.73 12.04
CA ILE B 147 4.85 10.71 12.84
C ILE B 147 5.43 10.80 14.25
N VAL B 148 5.67 9.65 14.89
CA VAL B 148 6.15 9.66 16.27
C VAL B 148 7.49 10.39 16.36
N TYR B 149 8.45 9.99 15.51
CA TYR B 149 9.78 10.61 15.50
C TYR B 149 9.70 12.11 15.25
N SER B 150 8.87 12.53 14.29
CA SER B 150 8.78 13.95 13.97
C SER B 150 8.16 14.72 15.13
N GLU B 151 7.10 14.18 15.71
CA GLU B 151 6.44 14.88 16.81
C GLU B 151 7.34 14.97 18.02
N ILE B 152 8.05 13.88 18.34
CA ILE B 152 8.96 13.96 19.46
C ILE B 152 9.99 15.04 19.21
N LEU B 153 10.46 15.19 17.98
CA LEU B 153 11.55 16.13 17.71
C LEU B 153 11.07 17.56 17.51
N THR B 154 9.85 17.77 17.02
CA THR B 154 9.45 19.12 16.64
C THR B 154 8.25 19.66 17.40
N ASN B 155 7.45 18.82 18.06
CA ASN B 155 6.21 19.32 18.64
C ASN B 155 6.52 20.17 19.86
N GLU B 156 6.13 21.45 19.82
CA GLU B 156 6.58 22.38 20.86
C GLU B 156 5.76 22.23 22.14
N ARG B 157 4.49 21.84 22.06
CA ARG B 157 3.73 21.61 23.29
C ARG B 157 4.25 20.38 24.00
N LEU B 158 4.63 19.36 23.22
CA LEU B 158 5.27 18.18 23.79
C LEU B 158 6.55 18.55 24.55
N HIS B 159 7.32 19.49 24.03
CA HIS B 159 8.59 19.87 24.65
C HIS B 159 8.34 20.65 25.94
N VAL B 160 7.45 21.66 25.88
CA VAL B 160 6.99 22.31 27.11
C VAL B 160 6.52 21.26 28.10
N LEU B 161 5.66 20.35 27.65
CA LEU B 161 5.15 19.35 28.58
C LEU B 161 6.28 18.51 29.14
N PHE B 162 7.22 18.10 28.30
CA PHE B 162 8.33 17.31 28.82
C PHE B 162 9.22 18.13 29.73
N SER B 163 9.44 19.42 29.43
CA SER B 163 10.26 20.23 30.34
C SER B 163 9.64 20.30 31.74
N GLU B 164 8.32 20.51 31.83
CA GLU B 164 7.68 20.66 33.13
C GLU B 164 7.79 19.38 33.95
N ILE B 165 7.50 18.23 33.32
CA ILE B 165 7.64 16.94 33.99
C ILE B 165 9.07 16.75 34.47
N MSE B 166 10.05 17.10 33.63
CA MSE B 166 11.44 16.90 33.99
C MSE B 166 11.82 17.88 35.10
O MSE B 166 12.62 17.55 35.97
CB MSE B 166 12.36 17.01 32.78
CG MSE B 166 13.81 17.36 33.12
SE MSE B 166 14.75 16.05 34.25
CE MSE B 166 14.86 14.50 33.10
N ALA B 167 11.20 19.06 35.12
CA ALA B 167 11.48 19.97 36.23
C ALA B 167 10.85 19.48 37.52
N SER B 168 9.63 18.92 37.44
CA SER B 168 8.99 18.40 38.64
C SER B 168 9.73 17.16 39.16
N PHE B 169 10.27 16.35 38.24
CA PHE B 169 11.06 15.21 38.66
C PHE B 169 12.25 15.64 39.50
N LYS B 170 12.99 16.63 39.00
CA LYS B 170 14.21 17.05 39.68
C LYS B 170 13.95 17.56 41.09
N THR B 171 12.71 17.96 41.41
CA THR B 171 12.39 18.33 42.78
C THR B 171 12.13 17.12 43.67
N LYS B 172 11.86 15.94 43.09
CA LYS B 172 11.57 14.74 43.88
C LYS B 172 12.75 13.80 44.00
N VAL B 173 13.69 13.86 43.07
CA VAL B 173 14.76 12.88 42.98
C VAL B 173 16.02 13.64 42.58
N SER B 174 17.09 13.48 43.32
CA SER B 174 18.31 14.24 43.04
C SER B 174 19.00 13.65 41.82
N VAL B 175 18.86 14.34 40.68
CA VAL B 175 19.40 13.83 39.42
C VAL B 175 20.92 13.84 39.46
N GLU B 176 21.51 14.85 40.10
CA GLU B 176 22.98 14.88 40.17
C GLU B 176 23.51 13.78 41.08
N ASP B 177 22.79 13.47 42.15
CA ASP B 177 23.24 12.35 42.99
C ASP B 177 23.07 11.03 42.26
N LEU B 178 22.01 10.89 41.47
CA LEU B 178 21.85 9.71 40.62
C LEU B 178 22.99 9.56 39.64
N LYS B 179 23.26 10.61 38.84
CA LYS B 179 24.37 10.54 37.91
C LYS B 179 25.68 10.29 38.64
N LYS B 180 25.76 10.78 39.87
CA LYS B 180 26.96 10.61 40.69
C LYS B 180 27.17 9.14 41.05
N ARG B 181 26.07 8.47 41.39
CA ARG B 181 26.11 7.06 41.76
C ARG B 181 26.19 6.14 40.56
N LYS B 182 26.39 6.71 39.38
CA LYS B 182 26.48 5.87 38.18
C LYS B 182 25.17 5.10 37.93
N VAL B 183 24.05 5.84 37.96
CA VAL B 183 22.80 5.26 37.50
C VAL B 183 22.57 5.87 36.13
N ASN B 184 23.57 5.72 35.26
CA ASN B 184 23.58 6.32 33.94
C ASN B 184 23.35 5.31 32.83
N ASN B 185 23.68 4.04 33.04
CA ASN B 185 23.48 3.03 32.02
C ASN B 185 22.13 2.32 32.19
N ILE B 186 21.84 1.39 31.28
CA ILE B 186 20.59 0.64 31.26
C ILE B 186 20.44 -0.17 32.55
N GLN B 187 21.50 -0.88 32.93
CA GLN B 187 21.41 -1.82 34.04
C GLN B 187 21.23 -1.09 35.37
N GLY B 188 22.09 -0.11 35.65
CA GLY B 188 21.87 0.73 36.81
C GLY B 188 20.53 1.44 36.77
N LEU B 189 20.08 1.83 35.59
CA LEU B 189 18.77 2.47 35.52
C LEU B 189 17.65 1.47 35.81
N ILE B 190 17.80 0.23 35.35
CA ILE B 190 16.85 -0.82 35.68
C ILE B 190 16.87 -1.09 37.19
N SER B 191 18.06 -1.27 37.76
CA SER B 191 18.20 -1.54 39.19
C SER B 191 17.64 -0.40 40.04
N GLU B 192 17.87 0.85 39.63
CA GLU B 192 17.38 1.98 40.39
C GLU B 192 15.86 2.01 40.43
N ILE B 193 15.20 1.76 39.31
CA ILE B 193 13.74 1.71 39.29
C ILE B 193 13.24 0.52 40.09
N SER B 194 13.86 -0.64 39.89
CA SER B 194 13.35 -1.86 40.52
C SER B 194 13.51 -1.87 42.03
N ASN B 195 14.54 -1.21 42.56
CA ASN B 195 14.70 -1.08 44.01
C ASN B 195 13.88 0.08 44.58
N ASN B 196 13.38 0.99 43.75
CA ASN B 196 12.55 2.09 44.23
C ASN B 196 11.22 2.15 43.47
N ARG B 197 10.59 0.98 43.34
CA ARG B 197 9.35 0.79 42.58
C ARG B 197 8.25 1.71 43.06
N GLU B 198 7.87 1.58 44.33
CA GLU B 198 6.71 2.32 44.83
C GLU B 198 6.88 3.82 44.58
N MSE B 199 8.10 4.32 44.66
CA MSE B 199 8.31 5.71 44.40
C MSE B 199 8.18 6.11 42.96
O MSE B 199 7.51 7.08 42.66
CB MSE B 199 9.70 6.08 44.81
CG MSE B 199 9.78 7.59 44.80
SE MSE B 199 11.60 8.20 45.10
CE MSE B 199 11.12 9.28 46.63
N TYR B 200 8.82 5.41 42.06
CA TYR B 200 8.74 5.81 40.66
C TYR B 200 7.33 5.63 40.09
N LYS B 201 6.63 4.63 40.61
CA LYS B 201 5.25 4.39 40.24
C LYS B 201 4.43 5.61 40.69
N ASN B 202 4.55 5.99 41.96
CA ASN B 202 3.83 7.16 42.47
C ASN B 202 4.15 8.40 41.66
N ILE B 203 5.43 8.58 41.30
CA ILE B 203 5.80 9.75 40.50
C ILE B 203 5.10 9.72 39.15
N PHE B 204 5.09 8.54 38.51
CA PHE B 204 4.43 8.38 37.22
C PHE B 204 2.96 8.71 37.32
N VAL B 205 2.28 8.13 38.32
CA VAL B 205 0.86 8.43 38.49
C VAL B 205 0.62 9.91 38.72
N GLU B 206 1.41 10.55 39.59
CA GLU B 206 1.10 11.94 39.88
C GLU B 206 1.40 12.83 38.67
N GLU B 207 2.45 12.53 37.92
CA GLU B 207 2.74 13.32 36.74
C GLU B 207 1.70 13.08 35.68
N TYR B 208 1.23 11.84 35.57
CA TYR B 208 0.24 11.52 34.58
C TYR B 208 -1.06 12.24 34.92
N GLU B 209 -1.52 12.10 36.16
CA GLU B 209 -2.75 12.75 36.57
C GLU B 209 -2.64 14.26 36.46
N LYS B 210 -1.50 14.83 36.81
CA LYS B 210 -1.35 16.28 36.79
C LYS B 210 -1.42 16.85 35.38
N HIS B 211 -0.87 16.11 34.39
CA HIS B 211 -0.70 16.59 33.03
C HIS B 211 -1.57 15.85 32.02
N LYS B 212 -2.56 15.09 32.49
CA LYS B 212 -3.37 14.27 31.58
C LYS B 212 -4.09 15.12 30.53
N THR B 213 -4.75 16.21 30.92
CA THR B 213 -5.49 17.00 29.95
C THR B 213 -4.59 17.47 28.79
N THR B 214 -3.37 17.91 29.10
CA THR B 214 -2.45 18.35 28.06
C THR B 214 -1.96 17.19 27.20
N LEU B 215 -1.69 16.05 27.82
CA LEU B 215 -1.13 14.93 27.05
C LEU B 215 -2.16 14.36 26.08
N ILE B 216 -3.38 14.11 26.56
CA ILE B 216 -4.44 13.61 25.70
C ILE B 216 -4.66 14.55 24.52
N SER B 217 -4.76 15.84 24.79
CA SER B 217 -5.00 16.81 23.72
C SER B 217 -3.83 16.97 22.74
N ILE B 218 -2.59 16.92 23.21
CA ILE B 218 -1.46 16.93 22.27
C ILE B 218 -1.56 15.74 21.33
N VAL B 219 -1.69 14.54 21.90
CA VAL B 219 -1.76 13.34 21.09
C VAL B 219 -3.01 13.33 20.20
N GLN B 220 -4.19 13.67 20.74
CA GLN B 220 -5.41 13.76 19.92
C GLN B 220 -5.23 14.75 18.78
N CYS B 221 -4.60 15.90 19.05
CA CYS B 221 -4.35 16.86 17.99
C CYS B 221 -3.40 16.33 16.94
N ILE B 222 -2.44 15.50 17.35
CA ILE B 222 -1.55 14.87 16.39
C ILE B 222 -2.34 13.91 15.48
N THR B 223 -3.16 13.03 16.06
CA THR B 223 -3.86 12.08 15.21
C THR B 223 -4.94 12.77 14.39
N ASP B 224 -5.43 13.92 14.86
CA ASP B 224 -6.32 14.77 14.06
C ASP B 224 -5.55 15.43 12.93
N ASN B 225 -4.38 16.05 13.23
CA ASN B 225 -3.63 16.76 12.19
C ASN B 225 -3.07 15.83 11.11
N TYR B 226 -3.22 14.51 11.22
CA TYR B 226 -2.74 13.57 10.21
C TYR B 226 -3.84 12.61 9.78
N ASN B 227 -5.08 12.85 10.21
CA ASN B 227 -6.22 12.05 9.79
C ASN B 227 -5.95 10.54 9.89
N ILE B 228 -5.31 10.16 11.01
CA ILE B 228 -5.25 8.75 11.42
C ILE B 228 -6.65 8.28 11.81
N ASN B 229 -7.11 7.22 11.16
CA ASN B 229 -8.36 6.59 11.53
C ASN B 229 -8.10 5.11 11.80
N TYR B 230 -9.03 4.49 12.49
CA TYR B 230 -9.02 3.06 12.72
C TYR B 230 -10.39 2.51 12.33
N LYS B 231 -10.42 1.53 11.44
CA LYS B 231 -11.68 0.99 10.93
C LYS B 231 -12.57 2.10 10.40
N GLU B 232 -11.96 3.02 9.63
CA GLU B 232 -12.64 4.16 9.01
C GLU B 232 -13.33 5.03 10.06
N ASN B 233 -12.73 5.12 11.24
CA ASN B 233 -13.26 5.95 12.32
C ASN B 233 -12.14 6.75 12.94
N ALA B 234 -12.44 8.01 13.29
CA ALA B 234 -11.53 8.82 14.07
C ALA B 234 -11.07 8.09 15.33
N VAL B 235 -9.76 8.14 15.60
CA VAL B 235 -9.20 7.54 16.80
C VAL B 235 -9.55 8.43 17.99
N ASP B 236 -10.07 7.84 19.06
CA ASP B 236 -10.41 8.55 20.29
C ASP B 236 -9.26 8.32 21.29
N ILE B 237 -8.43 9.33 21.50
CA ILE B 237 -7.23 9.12 22.32
C ILE B 237 -7.61 8.94 23.78
N GLU B 238 -8.50 9.78 24.30
CA GLU B 238 -8.90 9.64 25.70
C GLU B 238 -9.40 8.22 25.98
N PHE B 239 -10.21 7.68 25.08
CA PHE B 239 -10.75 6.33 25.27
C PHE B 239 -9.62 5.30 25.34
N ILE B 240 -8.69 5.32 24.39
CA ILE B 240 -7.59 4.36 24.37
C ILE B 240 -6.79 4.41 25.66
N PHE B 241 -6.39 5.62 26.09
CA PHE B 241 -5.62 5.80 27.32
C PHE B 241 -6.38 5.27 28.55
N ASP B 242 -7.65 5.64 28.69
CA ASP B 242 -8.44 5.12 29.80
C ASP B 242 -8.59 3.61 29.71
N PHE B 243 -8.72 3.08 28.50
CA PHE B 243 -8.80 1.62 28.34
C PHE B 243 -7.52 0.97 28.86
N ILE B 244 -6.38 1.39 28.32
CA ILE B 244 -5.09 0.90 28.77
C ILE B 244 -4.94 1.04 30.27
N GLN B 245 -5.41 2.17 30.83
CA GLN B 245 -5.29 2.38 32.26
C GLN B 245 -6.14 1.40 33.06
N GLU B 246 -7.40 1.21 32.70
CA GLU B 246 -8.25 0.34 33.49
C GLU B 246 -7.86 -1.14 33.34
N HIS B 247 -7.44 -1.57 32.15
CA HIS B 247 -7.17 -2.99 31.91
C HIS B 247 -5.73 -3.39 32.12
N TYR B 248 -4.76 -2.47 31.97
CA TYR B 248 -3.36 -2.86 32.08
C TYR B 248 -2.60 -2.11 33.19
N ILE B 249 -2.42 -0.79 33.06
CA ILE B 249 -1.56 -0.06 34.00
C ILE B 249 -2.03 -0.25 35.43
N SER B 250 -3.36 -0.27 35.64
CA SER B 250 -3.89 -0.34 36.99
C SER B 250 -3.73 -1.72 37.62
N LYS B 251 -3.35 -2.72 36.83
CA LYS B 251 -3.11 -4.06 37.34
C LYS B 251 -1.66 -4.31 37.69
N LEU B 252 -0.78 -3.35 37.45
CA LEU B 252 0.59 -3.46 37.92
C LEU B 252 0.66 -3.41 39.44
C01 6OU C . 1.06 -7.14 -23.69
C02 6OU C . 1.65 -6.99 -22.28
C03 6OU C . 1.30 -8.16 -21.36
C04 6OU C . 1.20 -7.75 -19.89
C05 6OU C . 0.81 -8.93 -18.99
C06 6OU C . 0.01 -8.49 -17.75
C07 6OU C . -1.03 -9.55 -17.36
C08 6OU C . -1.37 -9.49 -15.88
C09 6OU C . -2.58 -10.36 -15.51
C10 6OU C . -3.76 -9.51 -15.04
C11 6OU C . -5.03 -10.34 -14.89
C12 6OU C . -5.54 -10.28 -13.45
C13 6OU C . -7.06 -10.32 -13.37
C14 6OU C . -7.50 -11.37 -12.37
C15 6OU C . -7.39 -12.78 -12.91
C16 6OU C . -8.77 -13.42 -12.84
O17 6OU C . -9.68 -12.75 -12.53
O18 6OU C . -8.97 -14.78 -13.15
C19 6OU C . -10.07 -15.00 -13.99
C20 6OU C . -11.27 -15.31 -13.10
C21 6OU C . -11.13 -16.74 -12.56
O22 6OU C . -10.72 -16.65 -11.22
P23 6OU C . -11.26 -17.73 -10.10
O24 6OU C . -12.74 -17.52 -9.88
O25 6OU C . -10.56 -17.45 -8.80
O26 6OU C . -10.94 -19.30 -10.52
C27 6OU C . -9.75 -19.65 -11.17
C28 6OU C . -10.11 -20.24 -12.53
N29 6OU C . -8.94 -20.42 -13.37
O30 6OU C . -12.51 -15.14 -13.75
C31 6OU C . -12.58 -14.98 -15.15
O32 6OU C . -12.54 -15.92 -15.86
C33 6OU C . -12.78 -13.60 -15.79
C34 6OU C . -11.56 -13.09 -16.54
C35 6OU C . -11.67 -11.60 -16.82
C36 6OU C . -10.58 -10.78 -16.15
C37 6OU C . -9.79 -9.99 -17.18
C38 6OU C . -8.78 -9.07 -16.52
C39 6OU C . -8.91 -7.64 -17.02
C40 6OU C . -7.60 -6.87 -17.01
C41 6OU C . -7.26 -6.43 -15.81
C42 6OU C . -5.76 -6.25 -15.65
C43 6OU C . -5.09 -5.55 -16.84
C44 6OU C . -3.74 -6.16 -17.22
C45 6OU C . -3.50 -6.28 -18.73
C46 6OU C . -3.58 -4.93 -19.45
C47 6OU C . -3.12 -5.03 -20.90
C48 6OU C . -3.20 -3.71 -21.64
C49 6OU C . -3.10 -3.87 -23.16
C01 6OU D . -10.86 3.57 -11.61
C02 6OU D . -11.74 2.79 -12.58
C03 6OU D . -12.00 1.37 -12.11
C04 6OU D . -12.87 0.59 -13.08
C05 6OU D . -12.12 -0.59 -13.66
C06 6OU D . -12.46 -1.89 -12.95
C07 6OU D . -11.43 -2.98 -13.22
C08 6OU D . -12.08 -4.35 -13.30
C09 6OU D . -11.41 -5.23 -14.34
C10 6OU D . -10.23 -6.02 -13.78
C11 6OU D . -10.63 -6.80 -12.54
C12 6OU D . -11.67 -7.88 -12.84
C13 6OU D . -11.05 -9.26 -12.71
C14 6OU D . -12.04 -10.40 -12.90
C15 6OU D . -13.03 -10.54 -11.76
C16 6OU D . -13.98 -11.72 -11.95
O17 6OU D . -14.25 -12.45 -11.05
O18 6OU D . -14.56 -11.95 -13.20
C19 6OU D . -15.26 -10.84 -13.66
C20 6OU D . -16.77 -11.11 -13.69
C21 6OU D . -17.05 -12.61 -13.57
O22 6OU D . -16.83 -12.89 -12.22
P23 6OU D . -17.51 -14.18 -11.44
O24 6OU D . -16.58 -14.62 -10.34
O25 6OU D . -17.70 -15.30 -12.45
O26 6OU D . -18.97 -13.78 -10.77
C27 6OU D . -19.71 -12.68 -11.22
C28 6OU D . -20.62 -13.15 -12.36
N29 6OU D . -20.32 -14.53 -12.71
O30 6OU D . -17.39 -10.45 -14.77
C31 6OU D . -17.15 -10.77 -16.13
O32 6OU D . -18.01 -11.32 -16.74
C33 6OU D . -15.87 -10.37 -16.87
C34 6OU D . -15.45 -8.93 -16.58
C35 6OU D . -15.06 -8.18 -17.84
C36 6OU D . -13.57 -8.30 -18.13
C37 6OU D . -12.98 -6.99 -18.64
C38 6OU D . -12.91 -5.89 -17.58
C39 6OU D . -12.99 -4.48 -18.17
C40 6OU D . -11.65 -3.91 -18.58
C41 6OU D . -11.37 -4.09 -19.86
C42 6OU D . -12.59 -3.93 -20.76
C43 6OU D . -12.49 -2.67 -21.62
C44 6OU D . -12.30 -3.03 -23.08
C45 6OU D . -13.18 -2.17 -23.98
C46 6OU D . -12.34 -1.29 -24.90
C47 6OU D . -12.53 0.20 -24.59
C48 6OU D . -11.76 1.12 -25.55
C49 6OU D . -10.24 0.99 -25.41
C01 6OU E . -12.04 6.08 -24.90
C02 6OU E . -12.18 4.59 -24.61
C03 6OU E . -12.02 4.25 -23.12
C04 6OU E . -13.13 3.32 -22.64
C05 6OU E . -12.69 2.32 -21.56
C06 6OU E . -13.64 1.14 -21.47
C07 6OU E . -14.85 1.38 -20.56
C08 6OU E . -15.30 0.09 -19.87
C09 6OU E . -15.63 0.28 -18.39
C10 6OU E . -15.34 -0.94 -17.52
C11 6OU E . -16.63 -1.56 -17.00
C12 6OU E . -16.54 -3.08 -16.85
C13 6OU E . -16.19 -3.51 -15.43
C14 6OU E . -16.99 -4.73 -15.02
C15 6OU E . -16.14 -5.73 -14.24
C16 6OU E . -17.03 -6.86 -13.75
O17 6OU E . -16.57 -7.82 -13.22
O18 6OU E . -18.41 -6.75 -13.92
C19 6OU E . -19.06 -7.96 -14.17
C20 6OU E . -20.02 -7.76 -15.34
C21 6OU E . -20.37 -9.12 -15.92
O22 6OU E . -21.29 -9.68 -15.04
P23 6OU E . -22.63 -10.42 -15.65
O24 6OU E . -22.94 -11.65 -14.81
O25 6OU E . -22.37 -10.81 -17.08
O26 6OU E . -23.90 -9.37 -15.59
C27 6OU E . -25.07 -9.67 -16.28
C28 6OU E . -25.93 -8.41 -16.24
N29 6OU E . -25.65 -7.60 -17.42
O30 6OU E . -19.40 -6.96 -16.32
C31 6OU E . -20.09 -6.86 -17.54
O32 6OU E . -21.19 -6.44 -17.55
C33 6OU E . -19.41 -7.28 -18.83
C34 6OU E . -18.90 -6.12 -19.69
C35 6OU E . -17.39 -6.13 -19.86
C36 6OU E . -16.93 -6.89 -21.11
C37 6OU E . -15.45 -6.66 -21.43
C38 6OU E . -14.98 -7.56 -22.55
C39 6OU E . -13.45 -7.63 -22.66
C40 6OU E . -12.88 -6.76 -23.79
C41 6OU E . -13.22 -7.16 -25.00
C42 6OU E . -14.31 -6.26 -25.58
C43 6OU E . -14.08 -5.80 -27.02
C44 6OU E . -14.99 -4.63 -27.37
C45 6OU E . -14.54 -3.86 -28.61
C46 6OU E . -13.45 -2.85 -28.29
C47 6OU E . -13.22 -1.76 -29.34
C48 6OU E . -12.15 -0.80 -28.83
C49 6OU E . -11.85 0.39 -29.73
P PGV F . -17.07 -15.43 -36.92
C01 PGV F . -15.21 -15.73 -32.52
C02 PGV F . -16.07 -15.08 -33.74
C03 PGV F . -15.16 -15.03 -34.99
C04 PGV F . -15.36 -17.56 -37.19
C05 PGV F . -14.87 -18.35 -35.93
C06 PGV F . -14.91 -19.91 -36.21
O01 PGV F . -16.43 -13.78 -33.34
O02 PGV F . -14.46 -12.76 -33.17
O03 PGV F . -14.09 -16.46 -33.05
O04 PGV F . -11.90 -16.46 -33.46
O05 PGV F . -15.84 -18.06 -34.93
O06 PGV F . -16.15 -20.24 -36.83
O11 PGV F . -15.83 -14.55 -36.13
O12 PGV F . -16.65 -17.07 -36.96
O13 PGV F . -17.13 -14.95 -38.35
O14 PGV F . -18.36 -15.27 -36.14
C1 PGV F . -15.59 -12.73 -33.62
C2 PGV F . -16.07 -11.55 -34.48
C3 PGV F . -15.46 -10.20 -34.07
C4 PGV F . -13.94 -10.11 -34.35
C5 PGV F . -13.28 -8.92 -33.66
C6 PGV F . -12.22 -9.37 -32.65
C7 PGV F . -11.91 -8.31 -31.58
C8 PGV F . -11.87 -6.86 -32.11
C9 PGV F . -11.57 -5.83 -30.97
C10 PGV F . -11.26 -6.53 -29.62
C11 PGV F . -10.53 -5.69 -28.62
C12 PGV F . -10.06 -4.45 -28.89
C13 PGV F . -9.32 -3.64 -27.87
C14 PGV F . -8.77 -2.27 -28.38
C15 PGV F . -7.41 -1.90 -27.72
C16 PGV F . -6.32 -1.42 -28.73
C17 PGV F . -5.91 0.06 -28.54
C18 PGV F . -4.42 0.29 -28.83
C19 PGV F . -12.81 -15.99 -32.79
C20 PGV F . -12.52 -14.96 -31.74
C21 PGV F . -11.01 -14.62 -31.67
C22 PGV F . -10.53 -14.73 -30.21
C23 PGV F . -9.85 -13.48 -29.67
C24 PGV F . -9.57 -13.64 -28.18
C25 PGV F . -9.22 -12.32 -27.50
C26 PGV F . -8.37 -12.50 -26.25
C27 PGV F . -7.67 -11.19 -25.78
C28 PGV F . -7.53 -11.12 -24.25
C29 PGV F . -7.14 -9.71 -23.70
C30 PGV F . -7.66 -9.48 -22.26
C31 PGV F . -6.76 -8.59 -21.35
C32 PGV F . -6.54 -9.20 -19.94
C33 PGV F . -5.10 -9.74 -19.69
C34 PGV F . -5.09 -10.94 -18.74
C01 6OU G . -9.68 8.57 -19.23
C02 6OU G . -8.16 8.52 -19.05
C03 6OU G . -7.49 9.84 -19.40
C04 6OU G . -6.00 9.82 -19.06
C05 6OU G . -5.11 9.87 -20.30
C06 6OU G . -3.67 10.27 -19.99
C07 6OU G . -2.74 9.06 -19.93
C08 6OU G . -1.34 9.44 -19.48
C09 6OU G . -0.34 8.29 -19.58
C10 6OU G . 0.56 8.27 -18.33
C11 6OU G . 1.99 7.81 -18.60
C12 6OU G . 2.44 7.87 -20.07
C13 6OU G . 3.91 7.49 -20.22
C14 6OU G . 4.68 7.64 -18.91
C15 6OU G . 5.56 6.42 -18.57
C16 6OU G . 4.80 5.26 -17.92
O17 6OU G . 3.63 5.33 -17.71
O18 6OU G . 5.50 4.11 -17.55
C19 6OU G . 5.05 3.55 -16.35
C20 6OU G . 5.82 4.22 -15.22
C21 6OU G . 6.84 3.24 -14.65
O22 6OU G . 7.68 2.91 -15.72
P23 6OU G . 9.28 3.29 -15.61
O24 6OU G . 10.07 2.25 -16.39
O25 6OU G . 9.68 3.26 -14.15
O26 6OU G . 9.61 4.79 -16.23
C27 6OU G . 8.70 5.46 -17.06
C28 6OU G . 9.46 6.56 -17.80
N29 6OU G . 8.58 7.30 -18.68
O30 6OU G . 4.97 4.77 -14.23
C31 6OU G . 3.95 3.99 -13.68
O32 6OU G . 4.19 3.23 -12.81
C33 6OU G . 2.50 4.14 -14.16
C34 6OU G . 1.64 4.86 -13.13
C35 6OU G . 0.28 5.29 -13.68
C36 6OU G . -0.14 6.66 -13.15
C37 6OU G . -1.60 6.96 -13.42
C38 6OU G . -1.80 8.03 -14.49
C39 6OU G . -3.20 8.64 -14.37
C40 6OU G . -4.26 7.93 -15.21
C41 6OU G . -5.30 7.56 -14.49
C42 6OU G . -6.31 6.75 -15.30
C43 6OU G . -6.73 5.47 -14.58
C44 6OU G . -8.26 5.35 -14.46
C45 6OU G . -8.77 3.98 -14.88
C46 6OU G . -9.86 4.07 -15.94
C47 6OU G . -10.32 2.69 -16.42
C48 6OU G . -11.83 2.56 -16.50
C49 6OU G . -12.40 3.09 -17.81
C01 6OU H . 4.25 10.26 22.49
C02 6OU H . 3.76 11.11 21.31
C03 6OU H . 2.52 10.52 20.67
C04 6OU H . 2.71 10.27 19.18
C05 6OU H . 1.37 10.24 18.45
C06 6OU H . 1.06 8.89 17.82
C07 6OU H . -0.38 8.47 18.05
C08 6OU H . -0.85 7.50 16.97
C09 6OU H . -2.26 6.98 17.26
C10 6OU H . -2.44 5.53 16.84
C11 6OU H . -3.64 4.91 17.53
C12 6OU H . -4.34 3.85 16.69
C13 6OU H . -4.22 2.48 17.34
C14 6OU H . -5.44 1.61 17.08
C15 6OU H . -6.73 2.38 17.28
C16 6OU H . -7.75 1.49 17.97
O17 6OU H . -7.39 0.48 18.44
O18 6OU H . -9.08 1.88 18.00
C19 6OU H . -9.69 2.04 19.24
C20 6OU H . -10.22 0.70 19.73
C21 6OU H . -11.69 0.87 20.10
O22 6OU H . -12.42 1.07 18.92
P23 6OU H . -13.83 0.27 18.72
O24 6OU H . -14.05 -0.62 19.91
O25 6OU H . -13.73 -0.54 17.45
O26 6OU H . -15.08 1.33 18.59
C27 6OU H . -15.06 2.51 19.36
C28 6OU H . -15.06 2.12 20.85
N29 6OU H . -15.26 3.28 21.70
O30 6OU H . -9.38 0.42 20.81
C31 6OU H . -9.72 -0.47 21.84
O32 6OU H . -10.59 -1.26 21.74
C33 6OU H . -8.89 -0.41 23.12
C34 6OU H . -7.46 -0.87 22.86
C35 6OU H . -6.60 0.20 22.22
C36 6OU H . -5.36 -0.40 21.55
C37 6OU H . -4.08 0.38 21.82
C38 6OU H . -3.17 0.41 20.59
C39 6OU H . -1.69 0.60 20.98
C40 6OU H . -0.73 0.63 19.78
C41 6OU H . -1.19 1.24 18.71
C42 6OU H . -0.11 1.60 17.69
C43 6OU H . 1.18 2.09 18.34
C44 6OU H . 1.55 3.54 17.96
C45 6OU H . 1.74 4.45 19.18
C46 6OU H . 3.08 5.19 19.19
C47 6OU H . 3.61 5.29 20.61
C48 6OU H . 5.12 5.03 20.72
C49 6OU H . 5.70 5.57 22.03
C01 6OU I . 3.40 -1.47 16.36
C02 6OU I . 3.50 -2.90 15.82
C03 6OU I . 2.79 -3.88 16.76
C04 6OU I . 2.82 -5.34 16.30
C05 6OU I . 2.72 -6.31 17.49
C06 6OU I . 1.31 -6.87 17.75
C07 6OU I . 0.21 -6.09 17.05
C08 6OU I . -0.42 -5.01 17.93
C09 6OU I . -0.66 -3.70 17.18
C10 6OU I . -1.51 -2.72 17.98
C11 6OU I . -2.86 -2.52 17.30
C12 6OU I . -4.00 -3.09 18.13
C13 6OU I . -5.02 -1.99 18.40
C14 6OU I . -6.43 -2.52 18.24
C15 6OU I . -6.62 -3.71 19.16
C16 6OU I . -8.09 -4.02 19.44
O17 6OU I . -8.96 -3.36 18.98
O18 6OU I . -8.38 -5.08 20.28
C19 6OU I . -7.38 -5.30 21.22
C20 6OU I . -7.90 -6.06 22.44
C21 6OU I . -8.98 -5.26 23.18
O22 6OU I . -9.88 -4.65 22.29
P23 6OU I . -11.11 -5.45 21.50
O24 6OU I . -11.07 -5.02 20.05
O25 6OU I . -12.43 -4.97 22.05
O26 6OU I . -10.98 -7.10 21.56
C27 6OU I . -11.17 -7.83 22.75
C28 6OU I . -12.38 -7.30 23.54
N29 6OU I . -11.99 -6.28 24.48
O30 6OU I . -6.79 -6.35 23.27
C31 6OU I . -6.38 -5.47 24.28
O32 6OU I . -6.75 -5.62 25.39
C33 6OU I . -5.39 -4.34 23.98
C34 6OU I . -4.49 -4.69 22.80
C35 6OU I . -3.02 -4.49 23.11
C36 6OU I . -2.55 -3.17 22.53
C37 6OU I . -1.06 -3.05 22.69
C38 6OU I . -0.30 -3.12 21.36
C39 6OU I . 0.93 -4.01 21.46
C40 6OU I . 2.21 -3.20 21.66
C41 6OU I . 2.30 -2.63 22.84
C42 6OU I . 2.24 -3.61 24.01
C43 6OU I . 3.63 -3.91 24.59
C44 6OU I . 4.18 -2.80 25.48
C45 6OU I . 4.82 -3.35 26.75
C46 6OU I . 6.33 -3.19 26.80
C47 6OU I . 6.80 -1.79 26.42
C48 6OU I . 8.32 -1.71 26.21
C49 6OU I . 8.70 -0.58 25.26
C01 6OU J . 10.57 -2.48 27.00
C02 6OU J . 9.44 -2.66 25.97
C03 6OU J . 9.81 -3.70 24.92
C04 6OU J . 8.65 -3.98 23.97
C05 6OU J . 8.49 -5.48 23.71
C06 6OU J . 7.08 -5.97 24.04
C07 6OU J . 6.60 -6.94 22.99
C08 6OU J . 5.27 -7.63 23.30
C09 6OU J . 4.42 -7.76 22.04
C10 6OU J . 3.09 -8.43 22.32
C11 6OU J . 1.98 -7.86 21.45
C12 6OU J . 0.61 -8.26 21.96
C13 6OU J . -0.42 -8.19 20.84
C14 6OU J . -1.84 -8.12 21.39
C15 6OU J . -2.78 -7.55 20.36
C16 6OU J . -4.23 -7.78 20.78
O17 6OU J . -5.12 -7.36 20.12
O18 6OU J . -4.47 -8.51 21.94
C19 6OU J . -5.68 -9.20 21.98
C20 6OU J . -5.73 -9.92 23.33
C21 6OU J . -6.77 -9.23 24.21
O22 6OU J . -6.99 -9.91 25.40
P23 6OU J . -7.97 -11.22 25.55
O24 6OU J . -8.15 -11.93 24.23
O25 6OU J . -9.33 -10.79 26.03
O26 6OU J . -7.31 -12.26 26.67
C27 6OU J . -6.99 -11.77 27.95
C28 6OU J . -6.00 -12.71 28.63
N29 6OU J . -4.62 -12.45 28.20
O30 6OU J . -4.40 -9.92 23.83
C31 6OU J . -4.17 -9.73 25.20
O32 6OU J . -4.55 -10.51 26.00
C33 6OU J . -3.39 -8.51 25.66
C34 6OU J . -1.99 -8.89 26.10
C35 6OU J . -0.97 -7.79 25.79
C36 6OU J . -1.52 -6.40 26.08
C37 6OU J . -0.77 -5.72 27.22
C38 6OU J . -0.31 -4.31 26.81
C39 6OU J . -0.09 -3.40 28.01
C40 6OU J . -0.11 -1.93 27.60
C41 6OU J . 1.03 -1.31 27.85
C42 6OU J . 1.48 -1.49 29.31
C43 6OU J . 2.96 -1.82 29.44
C44 6OU J . 3.29 -2.55 30.75
C45 6OU J . 4.77 -2.95 30.83
C46 6OU J . 5.62 -1.89 31.51
C47 6OU J . 6.26 -2.39 32.79
C48 6OU J . 6.56 -1.26 33.77
C49 6OU J . 7.73 -0.39 33.29
P PGV K . -1.76 1.27 43.31
C01 PGV K . -3.78 2.74 38.94
C02 PGV K . -2.71 1.71 39.63
C03 PGV K . -2.16 2.38 40.92
C04 PGV K . -3.22 3.43 44.21
C05 PGV K . -3.63 4.54 43.16
C06 PGV K . -3.64 5.97 43.82
O01 PGV K . -1.68 1.44 38.66
O02 PGV K . -0.39 3.26 38.75
O03 PGV K . -3.33 4.09 39.13
O04 PGV K . -3.87 6.12 38.36
O05 PGV K . -4.94 4.24 42.73
O06 PGV K . -4.25 6.87 42.90
O11 PGV K . -1.37 1.53 41.68
O12 PGV K . -3.21 2.14 43.63
O13 PGV K . -0.66 1.83 44.18
O14 PGV K . -2.01 -0.22 43.47
C1 PGV K . -0.45 2.04 38.77
C2 PGV K . 0.84 1.22 38.90
C3 PGV K . 1.77 1.29 37.67
C4 PGV K . 2.16 2.73 37.25
C5 PGV K . 3.52 2.79 36.54
C6 PGV K . 3.38 2.88 35.01
C7 PGV K . 4.72 2.62 34.28
C8 PGV K . 4.57 1.70 33.05
C9 PGV K . 3.32 2.04 32.18
C10 PGV K . 3.67 2.54 30.73
C11 PGV K . 2.50 2.49 29.75
C12 PGV K . 2.66 2.64 28.40
C13 PGV K . 4.02 2.88 27.76
C14 PGV K . 4.03 2.87 26.19
C15 PGV K . 4.83 4.04 25.53
C16 PGV K . 6.23 3.61 24.98
C17 PGV K . 7.43 4.21 25.77
C18 PGV K . 8.54 3.16 26.00
C19 PGV K . -3.46 4.99 38.08
C20 PGV K . -3.13 4.66 36.62
C21 PGV K . -2.11 5.68 35.98
C22 PGV K . -2.45 6.01 34.52
C23 PGV K . -1.36 5.58 33.53
C24 PGV K . -1.63 6.09 32.09
C25 PGV K . -1.81 5.03 30.99
C26 PGV K . -1.94 5.62 29.57
C27 PGV K . -0.97 4.98 28.55
C28 PGV K . 0.09 5.98 28.01
C29 PGV K . 0.49 5.71 26.53
C30 PGV K . -0.66 5.04 25.68
C31 PGV K . -0.16 4.21 24.44
C32 PGV K . -1.21 4.18 23.28
C33 PGV K . -0.96 5.25 22.17
C34 PGV K . -2.02 5.22 21.06
C01 6OU L . 15.26 -4.12 17.01
C02 6OU L . 15.52 -3.06 15.93
C03 6OU L . 16.30 -1.84 16.42
C04 6OU L . 16.82 -0.94 15.29
C05 6OU L . 16.73 0.56 15.58
C06 6OU L . 15.95 1.33 14.50
C07 6OU L . 16.57 2.70 14.19
C08 6OU L . 15.63 3.65 13.43
C09 6OU L . 16.36 4.86 12.83
C10 6OU L . 15.60 6.18 12.96
C11 6OU L . 16.48 7.34 13.42
C12 6OU L . 17.51 7.76 12.36
C13 6OU L . 18.21 9.09 12.68
C14 6OU L . 18.72 9.80 11.42
C15 6OU L . 17.69 10.70 10.74
C16 6OU L . 16.93 10.02 9.60
O17 6OU L . 17.54 9.50 8.72
O18 6OU L . 15.53 10.01 9.57
C19 6OU L . 14.90 8.91 10.19
C20 6OU L . 13.41 8.90 9.84
C21 6OU L . 12.80 10.21 10.31
O22 6OU L . 11.60 10.44 9.63
P23 6OU L . 11.75 11.29 8.23
O24 6OU L . 13.23 11.52 7.97
O25 6OU L . 11.06 12.63 8.36
O26 6OU L . 11.07 10.41 7.01
C27 6OU L . 11.25 10.84 5.69
C28 6OU L . 12.52 10.18 5.17
N29 6OU L . 12.26 9.51 3.92
O30 6OU L . 12.73 7.86 10.47
C31 6OU L . 11.75 7.29 9.66
O32 6OU L . 11.45 7.77 8.62
C33 6OU L . 11.03 6.01 10.12
C34 6OU L . 10.73 5.10 8.93
C35 6OU L . 10.36 3.68 9.38
C36 6OU L . 11.15 2.61 8.64
C37 6OU L . 10.98 1.20 9.23
C38 6OU L . 12.22 0.70 9.98
C39 6OU L . 12.01 -0.68 10.60
C40 6OU L . 13.28 -1.30 11.14
C41 6OU L . 13.22 -2.62 11.22
C42 6OU L . 13.08 -3.10 12.66
C43 6OU L . 11.74 -3.81 12.90
C44 6OU L . 11.49 -4.06 14.38
C45 6OU L . 10.04 -3.83 14.77
C46 6OU L . 9.79 -3.95 16.27
C47 6OU L . 8.89 -5.13 16.62
C48 6OU L . 9.12 -5.65 18.02
C49 6OU L . 8.06 -6.66 18.47
#